data_4ZUQ
#
_entry.id   4ZUQ
#
_cell.length_a   44.917
_cell.length_b   120.511
_cell.length_c   64.408
_cell.angle_alpha   90.00
_cell.angle_beta   96.89
_cell.angle_gamma   90.00
#
_symmetry.space_group_name_H-M   'P 1 21 1'
#
loop_
_entity.id
_entity.type
_entity.pdbx_description
1 polymer 'Acetylpolyamine aminohydrolase'
2 non-polymer 'POTASSIUM ION'
3 non-polymer 'SODIUM ION'
4 non-polymer 6-amino-N-hydroxyhexanamide
5 non-polymer 'ZINC ION'
6 non-polymer GLYCEROL
7 water water
#
_entity_poly.entity_id   1
_entity_poly.type   'polypeptide(L)'
_entity_poly.pdbx_seq_one_letter_code
;MRVIFSEDHKLRNAKTELYGGELVPPFEAPFRAEWILAAVKEAGFDDVVAPARHGLETVLKVHDAGYLNFLETAWDRWKA
AGYKGEAIATSFPVRRTSPRIPTDIEGQIGYYCNAAETAISPGTWEAALSSMASAIDGADLIAAGHKAAFSLCRPPGHHA
GIDMFGGYCFINNAAVAAQRLLDKGAKKIAILDVDFHHGNGTQDIFYERGDVFFASLHGDPAEAFPHFLGYAEETGKGAG
AGTTANYPMGRGTPYSVWGEALTDSLKRIAAFGAEAIVVSLGVDTFEQDPISFFKLTSPDYITMGRTIAASGVPLLVVME
GGYGVPEIGLNVANVLKGVAG
;
_entity_poly.pdbx_strand_id   A,B
#
# COMPACT_ATOMS: atom_id res chain seq x y z
N MET A 1 8.86 29.84 -27.57
CA MET A 1 7.92 28.74 -27.36
C MET A 1 6.87 29.12 -26.33
N ARG A 2 5.68 28.58 -26.52
CA ARG A 2 4.59 28.90 -25.64
C ARG A 2 4.68 28.09 -24.35
N VAL A 3 4.26 28.72 -23.26
CA VAL A 3 4.18 28.09 -21.94
C VAL A 3 2.70 28.04 -21.58
N ILE A 4 2.19 26.84 -21.33
CA ILE A 4 0.80 26.66 -20.96
CA ILE A 4 0.79 26.67 -20.96
C ILE A 4 0.72 26.40 -19.46
N PHE A 5 -0.06 27.19 -18.74
CA PHE A 5 -0.06 27.15 -17.29
C PHE A 5 -1.40 27.59 -16.76
N SER A 6 -1.96 26.82 -15.83
CA SER A 6 -3.22 27.15 -15.18
C SER A 6 -3.02 27.56 -13.73
N GLU A 7 -3.57 28.71 -13.35
CA GLU A 7 -3.58 29.10 -11.94
C GLU A 7 -4.39 28.13 -11.08
N ASP A 8 -5.19 27.26 -11.70
CA ASP A 8 -5.98 26.31 -10.92
C ASP A 8 -5.14 25.18 -10.32
N HIS A 9 -3.85 25.15 -10.62
CA HIS A 9 -2.97 24.20 -9.91
C HIS A 9 -3.11 24.42 -8.40
N LYS A 10 -3.39 25.65 -7.98
CA LYS A 10 -3.44 26.03 -6.58
C LYS A 10 -4.57 25.34 -5.82
N LEU A 11 -5.56 24.82 -6.54
CA LEU A 11 -6.63 24.06 -5.92
C LEU A 11 -6.09 22.80 -5.24
N ARG A 12 -4.96 22.28 -5.67
N ARG A 12 -4.93 22.32 -5.69
CA ARG A 12 -4.33 21.29 -4.82
CA ARG A 12 -4.12 21.30 -4.99
C ARG A 12 -3.28 21.97 -3.97
C ARG A 12 -3.22 22.01 -3.97
N ASN A 13 -3.64 22.05 -2.70
CA ASN A 13 -2.81 22.68 -1.67
C ASN A 13 -2.99 21.81 -0.44
N ALA A 14 -2.55 20.56 -0.55
CA ALA A 14 -2.74 19.60 0.52
C ALA A 14 -1.96 20.01 1.77
N LYS A 15 -2.52 19.65 2.91
CA LYS A 15 -1.90 20.00 4.17
C LYS A 15 -0.83 19.01 4.57
N THR A 16 -0.98 17.75 4.17
CA THR A 16 -0.14 16.68 4.71
C THR A 16 0.36 15.70 3.67
N GLU A 17 1.51 15.13 4.01
CA GLU A 17 2.14 14.06 3.27
C GLU A 17 2.78 13.15 4.30
N LEU A 18 2.59 11.84 4.15
CA LEU A 18 3.22 10.88 5.04
C LEU A 18 4.66 10.67 4.58
N TYR A 19 5.62 11.09 5.40
CA TYR A 19 7.04 11.04 5.05
C TYR A 19 7.81 10.71 6.31
N GLY A 20 8.61 9.65 6.30
CA GLY A 20 9.39 9.28 7.46
C GLY A 20 8.56 8.99 8.69
N GLY A 21 7.36 8.45 8.49
CA GLY A 21 6.46 8.17 9.61
C GLY A 21 5.78 9.37 10.25
N GLU A 22 5.86 10.53 9.61
CA GLU A 22 5.22 11.74 10.13
C GLU A 22 4.34 12.33 9.05
N LEU A 23 3.36 13.10 9.47
CA LEU A 23 2.54 13.85 8.52
C LEU A 23 3.11 15.25 8.45
N VAL A 24 3.75 15.58 7.35
CA VAL A 24 4.49 16.82 7.18
C VAL A 24 3.88 17.61 6.03
N PRO A 25 4.21 18.91 5.90
CA PRO A 25 3.68 19.62 4.73
C PRO A 25 4.29 19.00 3.45
N PRO A 26 3.52 18.96 2.36
N PRO A 26 3.49 18.91 2.38
CA PRO A 26 3.96 18.20 1.19
CA PRO A 26 3.95 18.19 1.18
C PRO A 26 5.12 18.84 0.44
C PRO A 26 5.14 18.84 0.47
N PHE A 27 6.02 18.01 -0.09
CA PHE A 27 7.05 18.50 -0.99
C PHE A 27 6.45 19.14 -2.25
N GLU A 28 5.35 18.56 -2.74
CA GLU A 28 4.75 18.99 -4.00
C GLU A 28 3.69 20.04 -3.68
N ALA A 29 4.14 21.27 -3.50
CA ALA A 29 3.33 22.37 -2.99
C ALA A 29 3.27 23.51 -4.00
N PRO A 30 2.25 24.38 -3.90
CA PRO A 30 2.04 25.43 -4.92
C PRO A 30 3.25 26.35 -5.19
N PHE A 31 4.10 26.58 -4.20
CA PHE A 31 5.27 27.42 -4.45
C PHE A 31 6.14 26.88 -5.59
N ARG A 32 6.09 25.58 -5.85
CA ARG A 32 6.88 25.04 -6.95
C ARG A 32 6.50 25.68 -8.27
N ALA A 33 5.19 25.78 -8.52
CA ALA A 33 4.74 26.38 -9.78
C ALA A 33 5.13 27.85 -9.85
N GLU A 34 5.02 28.55 -8.72
N GLU A 34 5.02 28.55 -8.72
CA GLU A 34 5.43 29.95 -8.66
CA GLU A 34 5.43 29.94 -8.65
C GLU A 34 6.90 30.12 -9.04
C GLU A 34 6.90 30.10 -9.06
N TRP A 35 7.76 29.28 -8.46
CA TRP A 35 9.19 29.34 -8.71
C TRP A 35 9.52 29.04 -10.17
N ILE A 36 8.87 28.03 -10.70
CA ILE A 36 9.14 27.62 -12.07
C ILE A 36 8.66 28.68 -13.06
N LEU A 37 7.45 29.18 -12.85
CA LEU A 37 6.90 30.20 -13.74
C LEU A 37 7.79 31.43 -13.76
N ALA A 38 8.22 31.88 -12.57
CA ALA A 38 9.03 33.08 -12.51
C ALA A 38 10.35 32.90 -13.26
N ALA A 39 10.96 31.72 -13.12
CA ALA A 39 12.24 31.46 -13.74
C ALA A 39 12.12 31.36 -15.26
N VAL A 40 11.06 30.74 -15.76
CA VAL A 40 10.94 30.64 -17.21
C VAL A 40 10.70 32.01 -17.83
N LYS A 41 9.89 32.84 -17.17
CA LYS A 41 9.71 34.22 -17.61
C LYS A 41 11.04 34.99 -17.58
N GLU A 42 11.83 34.81 -16.53
CA GLU A 42 13.10 35.51 -16.40
C GLU A 42 14.04 35.14 -17.57
N ALA A 43 13.92 33.90 -18.03
CA ALA A 43 14.74 33.38 -19.12
C ALA A 43 14.20 33.79 -20.49
N GLY A 44 13.14 34.59 -20.50
CA GLY A 44 12.61 35.11 -21.75
C GLY A 44 11.42 34.35 -22.30
N PHE A 45 10.98 33.31 -21.59
CA PHE A 45 9.80 32.56 -22.04
C PHE A 45 8.56 33.18 -21.41
N ASP A 46 8.13 34.30 -21.96
CA ASP A 46 7.00 35.02 -21.38
C ASP A 46 5.71 34.90 -22.17
N ASP A 47 5.68 34.02 -23.18
CA ASP A 47 4.44 33.76 -23.89
C ASP A 47 3.66 32.70 -23.09
N VAL A 48 3.06 33.14 -21.99
CA VAL A 48 2.37 32.26 -21.06
C VAL A 48 0.87 32.39 -21.25
N VAL A 49 0.19 31.28 -21.43
CA VAL A 49 -1.25 31.30 -21.64
C VAL A 49 -1.92 30.22 -20.81
N ALA A 50 -3.13 30.49 -20.34
CA ALA A 50 -3.92 29.49 -19.65
C ALA A 50 -4.44 28.46 -20.64
N PRO A 51 -4.58 27.20 -20.22
CA PRO A 51 -5.18 26.21 -21.12
C PRO A 51 -6.68 26.43 -21.25
N ALA A 52 -7.22 26.07 -22.41
CA ALA A 52 -8.66 25.86 -22.50
C ALA A 52 -9.03 24.69 -21.62
N ARG A 53 -10.25 24.68 -21.07
N ARG A 53 -10.25 24.68 -21.07
CA ARG A 53 -10.68 23.53 -20.30
CA ARG A 53 -10.68 23.53 -20.30
C ARG A 53 -10.95 22.33 -21.23
C ARG A 53 -10.91 22.34 -21.24
N HIS A 54 -10.81 21.13 -20.69
CA HIS A 54 -11.10 19.93 -21.47
C HIS A 54 -11.90 18.98 -20.64
N GLY A 55 -12.77 18.24 -21.31
CA GLY A 55 -13.46 17.13 -20.69
C GLY A 55 -12.63 15.87 -20.70
N LEU A 56 -13.28 14.72 -20.57
CA LEU A 56 -12.57 13.47 -20.32
C LEU A 56 -12.30 12.62 -21.56
N GLU A 57 -12.59 13.13 -22.76
CA GLU A 57 -12.43 12.32 -23.95
C GLU A 57 -11.04 11.69 -24.08
N THR A 58 -10.00 12.49 -24.01
CA THR A 58 -8.65 11.98 -24.21
C THR A 58 -8.22 11.11 -23.03
N VAL A 59 -8.47 11.59 -21.82
CA VAL A 59 -7.96 10.89 -20.65
C VAL A 59 -8.60 9.51 -20.47
N LEU A 60 -9.84 9.33 -20.92
CA LEU A 60 -10.46 8.02 -20.83
C LEU A 60 -9.76 6.95 -21.68
N LYS A 61 -8.90 7.36 -22.59
CA LYS A 61 -8.17 6.41 -23.41
C LYS A 61 -6.88 5.93 -22.74
N VAL A 62 -6.48 6.59 -21.66
CA VAL A 62 -5.28 6.17 -20.93
C VAL A 62 -5.55 5.75 -19.49
N HIS A 63 -6.62 6.28 -18.87
CA HIS A 63 -7.00 5.89 -17.52
C HIS A 63 -8.31 5.15 -17.53
N ASP A 64 -8.43 4.21 -16.60
CA ASP A 64 -9.66 3.48 -16.35
C ASP A 64 -10.80 4.41 -15.92
N ALA A 65 -12.01 4.15 -16.43
CA ALA A 65 -13.15 4.99 -16.11
C ALA A 65 -13.55 4.95 -14.65
N GLY A 66 -13.49 3.76 -14.05
CA GLY A 66 -13.78 3.60 -12.63
C GLY A 66 -12.84 4.41 -11.76
N TYR A 67 -11.56 4.41 -12.13
CA TYR A 67 -10.54 5.20 -11.46
C TYR A 67 -10.86 6.68 -11.52
N LEU A 68 -11.19 7.20 -12.71
CA LEU A 68 -11.50 8.61 -12.83
C LEU A 68 -12.77 8.96 -12.04
N ASN A 69 -13.77 8.09 -12.09
CA ASN A 69 -14.97 8.29 -11.29
CA ASN A 69 -14.99 8.26 -11.31
C ASN A 69 -14.65 8.34 -9.81
N PHE A 70 -13.73 7.49 -9.38
CA PHE A 70 -13.33 7.49 -8.00
C PHE A 70 -12.68 8.82 -7.61
N LEU A 71 -11.78 9.33 -8.43
CA LEU A 71 -11.10 10.57 -8.09
C LEU A 71 -12.09 11.73 -8.01
N GLU A 72 -13.11 11.72 -8.84
N GLU A 72 -13.10 11.72 -8.87
CA GLU A 72 -14.06 12.84 -8.89
CA GLU A 72 -14.13 12.75 -8.91
C GLU A 72 -14.85 13.01 -7.59
C GLU A 72 -14.73 13.01 -7.54
N THR A 73 -15.06 11.93 -6.84
CA THR A 73 -15.84 12.04 -5.61
C THR A 73 -15.12 11.58 -4.36
N ALA A 74 -13.84 11.27 -4.48
CA ALA A 74 -13.11 10.70 -3.34
C ALA A 74 -13.12 11.60 -2.10
N TRP A 75 -12.82 12.88 -2.29
CA TRP A 75 -12.80 13.79 -1.16
C TRP A 75 -14.16 13.89 -0.48
N ASP A 76 -15.20 14.08 -1.29
CA ASP A 76 -16.54 14.19 -0.73
C ASP A 76 -16.91 12.97 0.11
N ARG A 77 -16.58 11.78 -0.41
CA ARG A 77 -16.91 10.55 0.28
C ARG A 77 -16.11 10.36 1.55
N TRP A 78 -14.84 10.74 1.50
CA TRP A 78 -13.99 10.66 2.67
C TRP A 78 -14.54 11.54 3.79
N LYS A 79 -14.86 12.78 3.44
N LYS A 79 -14.86 12.78 3.43
CA LYS A 79 -15.39 13.72 4.41
CA LYS A 79 -15.41 13.73 4.39
C LYS A 79 -16.73 13.22 4.98
C LYS A 79 -16.73 13.24 4.97
N ALA A 80 -17.58 12.68 4.11
CA ALA A 80 -18.89 12.18 4.52
C ALA A 80 -18.78 10.99 5.46
N ALA A 81 -17.69 10.24 5.38
CA ALA A 81 -17.47 9.10 6.25
C ALA A 81 -17.03 9.51 7.65
N GLY A 82 -16.77 10.79 7.84
CA GLY A 82 -16.49 11.34 9.16
C GLY A 82 -15.01 11.41 9.53
N TYR A 83 -14.10 11.08 8.61
CA TYR A 83 -12.67 11.13 8.93
C TYR A 83 -12.20 12.56 9.08
N LYS A 84 -11.22 12.78 9.96
CA LYS A 84 -10.79 14.11 10.32
C LYS A 84 -9.57 14.63 9.56
N GLY A 85 -8.71 13.73 9.09
CA GLY A 85 -7.56 14.13 8.30
C GLY A 85 -7.87 14.16 6.82
N GLU A 86 -6.83 14.35 6.01
CA GLU A 86 -6.98 14.23 4.57
C GLU A 86 -7.12 12.75 4.18
N ALA A 87 -7.43 12.50 2.92
CA ALA A 87 -7.77 11.15 2.49
C ALA A 87 -6.51 10.39 2.13
N ILE A 88 -6.15 9.44 2.99
CA ILE A 88 -4.90 8.67 2.86
C ILE A 88 -5.23 7.19 2.97
N ALA A 89 -4.85 6.45 1.95
CA ALA A 89 -5.04 5.00 1.91
C ALA A 89 -4.17 4.29 2.94
N THR A 90 -4.69 3.20 3.47
CA THR A 90 -3.98 2.38 4.45
C THR A 90 -3.83 0.92 3.94
N SER A 91 -4.92 0.31 3.52
CA SER A 91 -4.88 -1.07 3.00
CA SER A 91 -4.89 -1.07 3.04
C SER A 91 -4.75 -1.09 1.52
N PHE A 92 -3.92 -2.01 1.01
CA PHE A 92 -3.64 -2.09 -0.41
C PHE A 92 -3.83 -3.50 -0.94
N PRO A 93 -4.20 -3.63 -2.23
CA PRO A 93 -4.32 -4.96 -2.84
C PRO A 93 -2.95 -5.45 -3.29
N VAL A 94 -2.28 -6.08 -2.35
CA VAL A 94 -0.90 -6.55 -2.53
C VAL A 94 -0.90 -8.03 -2.99
N ARG A 95 0.18 -8.75 -2.75
CA ARG A 95 0.32 -10.13 -3.26
C ARG A 95 -0.86 -10.99 -2.83
N ARG A 96 -1.42 -11.77 -3.77
CA ARG A 96 -2.37 -12.84 -3.47
C ARG A 96 -3.65 -12.31 -2.85
N THR A 97 -4.08 -11.14 -3.30
CA THR A 97 -5.37 -10.59 -2.87
C THR A 97 -6.45 -10.84 -3.90
N SER A 98 -7.70 -10.70 -3.47
CA SER A 98 -8.83 -10.69 -4.39
C SER A 98 -8.71 -9.55 -5.37
N PRO A 99 -9.18 -9.72 -6.62
CA PRO A 99 -9.20 -8.62 -7.58
C PRO A 99 -10.43 -7.73 -7.40
N ARG A 100 -11.34 -8.08 -6.50
CA ARG A 100 -12.60 -7.32 -6.39
C ARG A 100 -12.39 -5.91 -5.89
N ILE A 101 -13.29 -5.03 -6.33
CA ILE A 101 -13.27 -3.63 -5.93
C ILE A 101 -14.21 -3.45 -4.75
N PRO A 102 -13.71 -2.93 -3.62
CA PRO A 102 -14.57 -2.64 -2.47
C PRO A 102 -15.62 -1.60 -2.81
N THR A 103 -16.61 -1.44 -1.96
CA THR A 103 -17.63 -0.43 -2.21
C THR A 103 -17.44 0.83 -1.38
N ASP A 104 -16.81 0.74 -0.22
CA ASP A 104 -16.71 1.93 0.64
C ASP A 104 -15.49 2.76 0.31
N ILE A 105 -15.42 3.95 0.87
CA ILE A 105 -14.32 4.85 0.54
C ILE A 105 -12.96 4.34 1.03
N GLU A 106 -12.99 3.70 2.20
N GLU A 106 -12.88 3.72 2.21
CA GLU A 106 -11.80 3.17 2.84
CA GLU A 106 -11.56 3.23 2.68
C GLU A 106 -11.13 2.11 1.96
C GLU A 106 -11.05 2.12 1.76
N GLY A 107 -11.94 1.19 1.42
CA GLY A 107 -11.52 0.15 0.53
C GLY A 107 -11.16 0.68 -0.86
N GLN A 108 -11.98 1.58 -1.39
CA GLN A 108 -11.71 2.09 -2.72
C GLN A 108 -10.46 2.95 -2.80
N ILE A 109 -10.20 3.76 -1.78
CA ILE A 109 -9.01 4.60 -1.87
C ILE A 109 -7.75 3.71 -1.94
N GLY A 110 -7.73 2.60 -1.20
CA GLY A 110 -6.63 1.65 -1.29
C GLY A 110 -6.58 0.95 -2.64
N TYR A 111 -7.75 0.54 -3.13
CA TYR A 111 -7.82 -0.14 -4.41
C TYR A 111 -7.19 0.72 -5.52
N TYR A 112 -7.45 2.03 -5.48
CA TYR A 112 -7.03 2.94 -6.53
C TYR A 112 -5.74 3.71 -6.21
N CYS A 113 -4.93 3.20 -5.30
CA CYS A 113 -3.72 3.90 -4.86
C CYS A 113 -2.49 3.00 -4.92
N ASN A 114 -1.35 3.56 -5.32
CA ASN A 114 -0.11 2.81 -5.33
C ASN A 114 0.86 3.27 -4.23
N ALA A 115 0.51 4.32 -3.49
CA ALA A 115 1.44 4.87 -2.51
C ALA A 115 0.73 5.79 -1.53
N ALA A 116 0.88 5.51 -0.24
CA ALA A 116 0.17 6.22 0.81
C ALA A 116 0.79 7.56 1.19
N GLU A 117 1.86 7.99 0.54
N GLU A 117 1.87 7.91 0.50
CA GLU A 117 2.35 9.30 0.95
CA GLU A 117 2.55 9.18 0.70
C GLU A 117 1.49 10.42 0.40
C GLU A 117 1.90 10.32 -0.09
N THR A 118 0.69 10.10 -0.62
CA THR A 118 -0.09 11.10 -1.33
C THR A 118 -1.51 11.12 -0.76
N ALA A 119 -1.88 12.24 -0.16
CA ALA A 119 -3.23 12.46 0.38
C ALA A 119 -4.09 13.12 -0.67
N ILE A 120 -5.34 12.72 -0.77
CA ILE A 120 -6.33 13.47 -1.54
C ILE A 120 -6.93 14.54 -0.64
N SER A 121 -7.00 15.77 -1.16
CA SER A 121 -7.47 16.93 -0.44
C SER A 121 -8.54 17.64 -1.27
N PRO A 122 -9.35 18.50 -0.63
CA PRO A 122 -10.34 19.24 -1.41
C PRO A 122 -9.66 20.07 -2.51
N GLY A 123 -10.19 20.02 -3.71
CA GLY A 123 -9.62 20.74 -4.84
C GLY A 123 -8.65 19.89 -5.67
N THR A 124 -8.24 18.73 -5.16
CA THR A 124 -7.31 17.89 -5.89
C THR A 124 -7.78 17.49 -7.28
N TRP A 125 -9.03 17.05 -7.38
CA TRP A 125 -9.55 16.64 -8.69
C TRP A 125 -9.55 17.80 -9.68
N GLU A 126 -10.05 18.94 -9.23
N GLU A 126 -10.07 18.95 -9.24
CA GLU A 126 -10.12 20.12 -10.09
CA GLU A 126 -10.12 20.13 -10.10
C GLU A 126 -8.72 20.58 -10.52
C GLU A 126 -8.72 20.57 -10.52
N ALA A 127 -7.77 20.52 -9.58
CA ALA A 127 -6.40 20.88 -9.93
C ALA A 127 -5.84 19.90 -10.96
N ALA A 128 -6.07 18.61 -10.76
CA ALA A 128 -5.58 17.60 -11.68
C ALA A 128 -6.17 17.82 -13.08
N LEU A 129 -7.45 18.16 -13.15
CA LEU A 129 -8.04 18.44 -14.45
C LEU A 129 -7.41 19.65 -15.13
N SER A 130 -7.05 20.67 -14.36
CA SER A 130 -6.41 21.85 -14.94
C SER A 130 -5.02 21.51 -15.47
N SER A 131 -4.31 20.63 -14.75
CA SER A 131 -2.98 20.23 -15.13
C SER A 131 -3.04 19.39 -16.40
N MET A 132 -4.00 18.48 -16.46
N MET A 132 -4.02 18.51 -16.45
CA MET A 132 -4.29 17.70 -17.66
CA MET A 132 -4.26 17.70 -17.63
C MET A 132 -4.54 18.65 -18.84
C MET A 132 -4.63 18.58 -18.85
N ALA A 133 -5.35 19.68 -18.61
CA ALA A 133 -5.69 20.62 -19.67
C ALA A 133 -4.44 21.34 -20.20
N SER A 134 -3.49 21.68 -19.33
CA SER A 134 -2.24 22.29 -19.79
C SER A 134 -1.48 21.34 -20.70
N ALA A 135 -1.44 20.06 -20.35
CA ALA A 135 -0.81 19.05 -21.18
C ALA A 135 -1.53 18.89 -22.52
N ILE A 136 -2.86 18.90 -22.52
CA ILE A 136 -3.61 18.75 -23.76
C ILE A 136 -3.37 19.95 -24.68
N ASP A 137 -3.43 21.17 -24.14
CA ASP A 137 -3.19 22.33 -24.99
C ASP A 137 -1.77 22.36 -25.54
N GLY A 138 -0.79 21.91 -24.75
CA GLY A 138 0.58 21.79 -25.24
C GLY A 138 0.65 20.82 -26.39
N ALA A 139 0.03 19.66 -26.23
CA ALA A 139 -0.01 18.65 -27.28
C ALA A 139 -0.66 19.20 -28.54
N ASP A 140 -1.73 19.98 -28.37
CA ASP A 140 -2.43 20.52 -29.53
C ASP A 140 -1.52 21.49 -30.30
N LEU A 141 -0.64 22.21 -29.60
CA LEU A 141 0.32 23.08 -30.30
C LEU A 141 1.29 22.28 -31.14
N ILE A 142 1.80 21.17 -30.59
CA ILE A 142 2.69 20.30 -31.33
C ILE A 142 1.95 19.69 -32.51
N ALA A 143 0.72 19.23 -32.29
CA ALA A 143 -0.06 18.65 -33.38
C ALA A 143 -0.30 19.66 -34.51
N ALA A 144 -0.35 20.94 -34.17
CA ALA A 144 -0.64 22.00 -35.14
C ALA A 144 0.60 22.48 -35.85
N GLY A 145 1.77 21.99 -35.46
CA GLY A 145 2.99 22.29 -36.18
C GLY A 145 4.12 22.96 -35.44
N HIS A 146 3.94 23.29 -34.16
CA HIS A 146 5.04 23.87 -33.38
C HIS A 146 6.07 22.80 -33.07
N LYS A 147 7.32 23.21 -32.99
CA LYS A 147 8.37 22.25 -32.70
C LYS A 147 8.71 22.14 -31.22
N ALA A 148 8.20 23.05 -30.39
CA ALA A 148 8.40 22.97 -28.95
C ALA A 148 7.27 23.71 -28.25
N ALA A 149 6.95 23.25 -27.05
CA ALA A 149 6.05 23.95 -26.14
C ALA A 149 6.33 23.40 -24.75
N PHE A 150 5.94 24.16 -23.73
CA PHE A 150 6.11 23.74 -22.33
C PHE A 150 4.78 23.80 -21.62
N SER A 151 4.33 22.66 -21.12
CA SER A 151 3.14 22.55 -20.29
C SER A 151 3.59 22.54 -18.83
N LEU A 152 3.32 23.62 -18.11
CA LEU A 152 3.71 23.75 -16.71
C LEU A 152 2.64 23.06 -15.87
N CYS A 153 2.69 21.73 -15.90
CA CYS A 153 1.75 20.92 -15.16
C CYS A 153 2.05 20.91 -13.67
N ARG A 154 0.99 21.02 -12.88
CA ARG A 154 1.00 20.77 -11.45
C ARG A 154 -0.45 20.53 -11.06
N PRO A 155 -0.76 19.41 -10.39
CA PRO A 155 0.14 18.34 -9.94
C PRO A 155 0.76 17.58 -11.09
N PRO A 156 1.89 16.93 -10.82
CA PRO A 156 2.57 16.10 -11.80
C PRO A 156 1.78 14.82 -12.09
N GLY A 157 2.29 14.01 -13.01
CA GLY A 157 1.52 12.92 -13.55
C GLY A 157 2.12 11.53 -13.62
N HIS A 158 3.46 11.40 -13.62
CA HIS A 158 4.02 10.15 -14.14
C HIS A 158 3.92 8.92 -13.26
N HIS A 159 3.52 9.09 -11.99
CA HIS A 159 3.25 7.93 -11.13
C HIS A 159 1.81 7.46 -11.21
N ALA A 160 0.94 8.17 -11.91
CA ALA A 160 -0.46 7.73 -12.04
C ALA A 160 -0.54 6.70 -13.14
N GLY A 161 -0.91 5.47 -12.77
CA GLY A 161 -1.02 4.37 -13.70
C GLY A 161 -2.43 4.26 -14.25
N ILE A 162 -2.73 3.14 -14.90
CA ILE A 162 -4.04 3.02 -15.53
C ILE A 162 -5.17 3.33 -14.53
N ASP A 163 -5.03 2.77 -13.33
CA ASP A 163 -6.08 2.88 -12.31
C ASP A 163 -5.53 3.08 -10.92
N MET A 164 -4.42 3.81 -10.81
N MET A 164 -4.46 3.87 -10.81
N MET A 164 -4.46 3.86 -10.78
CA MET A 164 -3.82 4.14 -9.51
CA MET A 164 -3.86 4.14 -9.50
CA MET A 164 -3.97 4.15 -9.45
C MET A 164 -3.29 5.56 -9.46
C MET A 164 -3.24 5.53 -9.43
C MET A 164 -3.19 5.45 -9.37
N PHE A 165 -3.45 6.20 -8.30
CA PHE A 165 -2.77 7.46 -7.98
C PHE A 165 -1.65 7.20 -6.98
N GLY A 166 -0.70 8.13 -6.90
CA GLY A 166 0.39 8.02 -5.93
C GLY A 166 1.56 8.86 -6.39
N GLY A 167 2.57 9.00 -5.53
CA GLY A 167 3.72 9.79 -5.89
C GLY A 167 3.41 11.23 -6.30
N TYR A 168 2.37 11.78 -5.68
CA TYR A 168 1.97 13.18 -5.86
C TYR A 168 1.15 13.38 -7.15
N CYS A 169 0.80 12.28 -7.83
CA CYS A 169 0.20 12.30 -9.16
C CYS A 169 -1.17 11.67 -9.18
N PHE A 170 -2.06 12.21 -10.03
CA PHE A 170 -3.46 11.74 -10.12
C PHE A 170 -3.88 11.44 -11.55
N ILE A 171 -3.56 12.34 -12.48
CA ILE A 171 -3.83 12.12 -13.89
C ILE A 171 -2.47 12.16 -14.57
N ASN A 172 -2.20 11.17 -15.43
CA ASN A 172 -0.91 11.10 -16.07
C ASN A 172 -0.89 12.06 -17.26
N ASN A 173 -0.48 13.29 -16.98
CA ASN A 173 -0.47 14.37 -17.96
C ASN A 173 0.31 14.01 -19.22
N ALA A 174 1.49 13.43 -19.04
CA ALA A 174 2.29 13.05 -20.20
C ALA A 174 1.61 12.00 -21.05
N ALA A 175 0.96 11.02 -20.41
CA ALA A 175 0.23 9.99 -21.14
C ALA A 175 -0.93 10.60 -21.91
N VAL A 176 -1.64 11.53 -21.27
CA VAL A 176 -2.75 12.21 -21.94
C VAL A 176 -2.25 12.99 -23.16
N ALA A 177 -1.11 13.66 -22.99
CA ALA A 177 -0.54 14.41 -24.13
C ALA A 177 -0.16 13.48 -25.28
N ALA A 178 0.49 12.34 -24.97
CA ALA A 178 0.84 11.39 -26.03
C ALA A 178 -0.41 10.90 -26.75
N GLN A 179 -1.44 10.55 -25.97
CA GLN A 179 -2.69 10.11 -26.55
C GLN A 179 -3.32 11.20 -27.45
N ARG A 180 -3.25 12.45 -26.98
CA ARG A 180 -3.78 13.56 -27.76
C ARG A 180 -3.08 13.67 -29.12
N LEU A 181 -1.75 13.52 -29.12
CA LEU A 181 -0.98 13.56 -30.36
C LEU A 181 -1.39 12.43 -31.30
N LEU A 182 -1.61 11.23 -30.76
CA LEU A 182 -2.10 10.13 -31.59
C LEU A 182 -3.48 10.46 -32.13
N ASP A 183 -4.35 11.00 -31.29
CA ASP A 183 -5.72 11.33 -31.72
C ASP A 183 -5.73 12.40 -32.82
N LYS A 184 -4.75 13.28 -32.81
CA LYS A 184 -4.63 14.35 -33.80
C LYS A 184 -3.94 13.89 -35.07
N GLY A 185 -3.54 12.63 -35.15
CA GLY A 185 -3.02 12.09 -36.39
C GLY A 185 -1.68 11.37 -36.35
N ALA A 186 -0.94 11.45 -35.24
CA ALA A 186 0.33 10.72 -35.17
C ALA A 186 0.05 9.22 -35.09
N LYS A 187 0.99 8.43 -35.59
CA LYS A 187 0.90 6.98 -35.42
C LYS A 187 1.87 6.44 -34.38
N LYS A 188 2.97 7.15 -34.15
CA LYS A 188 4.00 6.70 -33.21
C LYS A 188 4.49 7.90 -32.42
N ILE A 189 4.46 7.77 -31.11
CA ILE A 189 4.88 8.86 -30.20
C ILE A 189 5.79 8.27 -29.14
N ALA A 190 6.80 9.02 -28.69
CA ALA A 190 7.62 8.58 -27.55
C ALA A 190 7.40 9.49 -26.37
N ILE A 191 7.52 8.91 -25.18
CA ILE A 191 7.61 9.66 -23.95
C ILE A 191 8.98 9.38 -23.36
N LEU A 192 9.72 10.46 -23.09
CA LEU A 192 11.06 10.38 -22.51
C LEU A 192 11.02 11.00 -21.11
N ASP A 193 11.23 10.18 -20.09
CA ASP A 193 10.98 10.59 -18.70
C ASP A 193 12.34 10.79 -18.02
N VAL A 194 12.72 12.05 -17.86
CA VAL A 194 14.02 12.41 -17.31
C VAL A 194 13.95 12.85 -15.84
N ASP A 195 12.75 12.84 -15.26
CA ASP A 195 12.58 13.00 -13.81
C ASP A 195 13.44 11.94 -13.08
N PHE A 196 13.95 12.28 -11.91
CA PHE A 196 14.74 11.32 -11.13
C PHE A 196 14.03 10.00 -10.87
N HIS A 197 12.71 10.04 -10.71
CA HIS A 197 11.96 8.85 -10.35
C HIS A 197 11.45 8.12 -11.59
N HIS A 198 11.37 6.80 -11.52
CA HIS A 198 10.79 6.02 -12.61
C HIS A 198 9.34 6.46 -12.84
N GLY A 199 8.95 6.68 -14.09
CA GLY A 199 7.55 6.94 -14.44
C GLY A 199 6.74 5.64 -14.52
N ASN A 200 6.54 5.01 -13.36
CA ASN A 200 5.84 3.73 -13.34
C ASN A 200 4.41 3.82 -13.82
N GLY A 201 3.77 4.97 -13.58
CA GLY A 201 2.41 5.14 -14.08
C GLY A 201 2.39 5.16 -15.60
N THR A 202 3.31 5.92 -16.19
CA THR A 202 3.42 5.98 -17.64
C THR A 202 3.74 4.62 -18.23
N GLN A 203 4.69 3.93 -17.60
CA GLN A 203 5.06 2.61 -18.09
C GLN A 203 3.84 1.70 -18.11
N ASP A 204 3.08 1.71 -17.02
CA ASP A 204 1.89 0.88 -16.87
C ASP A 204 0.90 1.17 -18.01
N ILE A 205 0.64 2.43 -18.29
CA ILE A 205 -0.34 2.81 -19.30
C ILE A 205 0.01 2.27 -20.67
N PHE A 206 1.30 2.32 -21.03
CA PHE A 206 1.71 2.00 -22.39
C PHE A 206 2.41 0.66 -22.55
N TYR A 207 2.46 -0.14 -21.47
CA TYR A 207 3.31 -1.34 -21.47
C TYR A 207 2.94 -2.32 -22.56
N GLU A 208 1.64 -2.41 -22.87
CA GLU A 208 1.14 -3.35 -23.86
C GLU A 208 0.72 -2.68 -25.15
N ARG A 209 1.20 -1.47 -25.38
CA ARG A 209 0.84 -0.67 -26.55
C ARG A 209 2.05 -0.41 -27.42
N GLY A 210 1.90 -0.67 -28.71
CA GLY A 210 3.01 -0.48 -29.63
C GLY A 210 3.05 0.89 -30.30
N ASP A 211 2.05 1.73 -30.02
CA ASP A 211 1.99 3.05 -30.62
C ASP A 211 2.76 4.11 -29.83
N VAL A 212 3.16 3.74 -28.62
CA VAL A 212 3.93 4.64 -27.78
C VAL A 212 5.17 3.91 -27.27
N PHE A 213 6.30 4.59 -27.34
CA PHE A 213 7.56 4.12 -26.79
C PHE A 213 7.82 4.90 -25.51
N PHE A 214 8.22 4.23 -24.45
CA PHE A 214 8.47 4.88 -23.16
C PHE A 214 9.90 4.62 -22.74
N ALA A 215 10.67 5.68 -22.53
CA ALA A 215 12.03 5.57 -22.01
C ALA A 215 12.12 6.35 -20.71
N SER A 216 12.75 5.78 -19.70
CA SER A 216 12.92 6.46 -18.42
C SER A 216 14.33 6.27 -17.90
N LEU A 217 14.92 7.37 -17.44
CA LEU A 217 16.20 7.41 -16.73
C LEU A 217 15.84 7.71 -15.29
N HIS A 218 16.38 6.98 -14.32
CA HIS A 218 15.85 7.13 -12.95
C HIS A 218 16.74 6.47 -11.94
N GLY A 219 16.57 6.87 -10.68
CA GLY A 219 17.17 6.14 -9.57
C GLY A 219 16.72 4.69 -9.57
N ASP A 220 17.65 3.78 -9.38
N ASP A 220 17.66 3.80 -9.32
CA ASP A 220 17.33 2.37 -9.48
CA ASP A 220 17.41 2.36 -9.28
C ASP A 220 16.31 1.97 -8.41
C ASP A 220 16.24 2.04 -8.35
N PRO A 221 15.23 1.29 -8.83
CA PRO A 221 14.11 1.05 -7.93
C PRO A 221 14.47 0.19 -6.72
N ALA A 222 15.58 -0.54 -6.79
CA ALA A 222 16.02 -1.25 -5.61
C ALA A 222 16.26 -0.31 -4.43
N GLU A 223 16.58 0.95 -4.71
N GLU A 223 16.55 0.96 -4.71
CA GLU A 223 16.81 1.91 -3.64
CA GLU A 223 16.82 1.93 -3.66
C GLU A 223 16.22 3.30 -3.92
C GLU A 223 16.16 3.30 -3.84
N ALA A 224 15.12 3.35 -4.66
CA ALA A 224 14.43 4.61 -4.90
C ALA A 224 12.95 4.40 -5.18
N PHE A 225 12.14 5.32 -4.70
CA PHE A 225 10.74 5.40 -5.09
C PHE A 225 10.68 5.41 -6.63
N PRO A 226 9.76 4.68 -7.25
CA PRO A 226 8.60 3.97 -6.69
C PRO A 226 8.84 2.55 -6.23
N HIS A 227 10.07 2.05 -6.23
N HIS A 227 10.08 2.06 -6.34
CA HIS A 227 10.40 0.79 -5.56
CA HIS A 227 10.56 0.77 -5.81
C HIS A 227 10.00 -0.50 -6.28
C HIS A 227 10.14 -0.50 -6.56
N PHE A 228 8.93 -0.50 -7.08
CA PHE A 228 8.34 -1.74 -7.59
C PHE A 228 8.16 -1.82 -9.09
N LEU A 229 8.88 -0.95 -9.80
CA LEU A 229 8.91 -0.98 -11.26
C LEU A 229 10.13 -0.17 -11.67
N GLY A 230 10.61 -0.34 -12.90
CA GLY A 230 11.72 0.45 -13.39
C GLY A 230 12.99 -0.32 -13.61
N TYR A 231 12.96 -1.64 -13.49
CA TYR A 231 14.16 -2.44 -13.76
C TYR A 231 14.41 -2.52 -15.27
N ALA A 232 15.67 -2.67 -15.64
CA ALA A 232 16.07 -2.72 -17.03
C ALA A 232 15.45 -3.87 -17.79
N GLU A 233 15.10 -4.96 -17.09
CA GLU A 233 14.56 -6.12 -17.76
C GLU A 233 13.15 -5.89 -18.30
N GLU A 234 12.47 -4.82 -17.86
CA GLU A 234 11.10 -4.55 -18.29
C GLU A 234 11.09 -3.87 -19.64
N THR A 235 10.77 -4.61 -20.71
CA THR A 235 10.88 -4.05 -22.06
C THR A 235 9.55 -4.00 -22.79
N GLY A 236 8.48 -4.47 -22.16
CA GLY A 236 7.14 -4.47 -22.75
C GLY A 236 6.56 -5.85 -22.98
N LYS A 237 5.26 -5.90 -23.21
CA LYS A 237 4.57 -7.17 -23.38
C LYS A 237 3.63 -7.07 -24.53
N GLY A 238 3.36 -8.20 -25.18
CA GLY A 238 2.39 -8.26 -26.26
C GLY A 238 2.68 -7.28 -27.37
N ALA A 239 1.66 -6.51 -27.75
CA ALA A 239 1.78 -5.50 -28.80
C ALA A 239 2.77 -4.41 -28.41
N GLY A 240 3.06 -4.30 -27.11
CA GLY A 240 4.02 -3.34 -26.66
C GLY A 240 5.43 -3.88 -26.52
N ALA A 241 5.69 -5.09 -27.01
CA ALA A 241 7.03 -5.66 -26.88
C ALA A 241 8.09 -4.71 -27.44
N GLY A 242 9.17 -4.55 -26.70
CA GLY A 242 10.27 -3.72 -27.15
C GLY A 242 10.01 -2.23 -27.09
N THR A 243 8.96 -1.78 -26.39
CA THR A 243 8.65 -0.35 -26.34
C THR A 243 8.77 0.30 -24.97
N THR A 244 9.41 -0.38 -24.02
CA THR A 244 9.81 0.25 -22.77
C THR A 244 11.32 0.10 -22.65
N ALA A 245 12.00 1.20 -22.33
CA ALA A 245 13.44 1.20 -22.09
C ALA A 245 13.75 1.93 -20.78
N ASN A 246 14.10 1.15 -19.76
CA ASN A 246 14.43 1.68 -18.44
C ASN A 246 15.94 1.74 -18.23
N TYR A 247 16.39 2.86 -17.70
CA TYR A 247 17.82 3.11 -17.40
C TYR A 247 17.97 3.43 -15.92
N PRO A 248 17.92 2.42 -15.05
CA PRO A 248 18.13 2.64 -13.62
C PRO A 248 19.58 2.97 -13.34
N MET A 249 19.84 3.94 -12.47
CA MET A 249 21.20 4.39 -12.15
C MET A 249 21.30 4.61 -10.65
N GLY A 250 22.53 4.60 -10.14
CA GLY A 250 22.78 4.58 -8.71
C GLY A 250 23.11 5.91 -8.05
N ARG A 251 23.50 5.82 -6.79
CA ARG A 251 23.72 7.01 -5.99
C ARG A 251 24.88 7.82 -6.52
N GLY A 252 24.68 9.14 -6.56
CA GLY A 252 25.72 10.07 -6.96
C GLY A 252 25.86 10.24 -8.48
N THR A 253 24.98 9.64 -9.27
CA THR A 253 25.18 9.68 -10.72
C THR A 253 25.29 11.11 -11.25
N PRO A 254 26.38 11.44 -11.96
CA PRO A 254 26.54 12.79 -12.52
C PRO A 254 26.15 12.80 -14.00
N TYR A 255 26.20 13.97 -14.63
CA TYR A 255 25.79 14.05 -16.03
C TYR A 255 26.69 13.22 -16.96
N SER A 256 27.97 13.08 -16.66
CA SER A 256 28.84 12.33 -17.54
C SER A 256 28.32 10.90 -17.73
N VAL A 257 27.68 10.34 -16.69
CA VAL A 257 27.10 9.02 -16.79
C VAL A 257 25.64 9.07 -17.26
N TRP A 258 24.87 9.96 -16.67
CA TRP A 258 23.44 10.09 -16.98
C TRP A 258 23.24 10.42 -18.47
N GLY A 259 24.10 11.29 -19.00
CA GLY A 259 24.03 11.68 -20.41
C GLY A 259 24.28 10.53 -21.37
N GLU A 260 25.03 9.52 -20.95
CA GLU A 260 25.24 8.34 -21.79
C GLU A 260 23.94 7.57 -21.92
N ALA A 261 23.18 7.46 -20.83
CA ALA A 261 21.87 6.85 -20.90
C ALA A 261 20.94 7.68 -21.77
N LEU A 262 21.02 9.00 -21.66
CA LEU A 262 20.18 9.86 -22.49
C LEU A 262 20.46 9.60 -23.96
N THR A 263 21.74 9.56 -24.34
CA THR A 263 22.12 9.27 -25.73
C THR A 263 21.51 7.95 -26.18
N ASP A 264 21.61 6.93 -25.35
CA ASP A 264 21.09 5.63 -25.76
C ASP A 264 19.57 5.67 -25.90
N SER A 265 18.90 6.34 -24.97
CA SER A 265 17.44 6.42 -25.02
C SER A 265 16.99 7.10 -26.30
N LEU A 266 17.73 8.11 -26.74
CA LEU A 266 17.36 8.85 -27.94
C LEU A 266 17.61 8.00 -29.19
N LYS A 267 18.64 7.17 -29.17
CA LYS A 267 18.85 6.21 -30.25
C LYS A 267 17.66 5.27 -30.35
N ARG A 268 17.17 4.76 -29.23
N ARG A 268 17.20 4.77 -29.21
CA ARG A 268 16.05 3.83 -29.28
CA ARG A 268 16.06 3.86 -29.15
C ARG A 268 14.75 4.52 -29.70
C ARG A 268 14.80 4.53 -29.70
N ILE A 269 14.56 5.76 -29.29
CA ILE A 269 13.39 6.52 -29.73
C ILE A 269 13.45 6.75 -31.25
N ALA A 270 14.63 7.09 -31.77
CA ALA A 270 14.77 7.30 -33.22
C ALA A 270 14.53 6.00 -33.98
N ALA A 271 15.02 4.89 -33.44
CA ALA A 271 14.83 3.58 -34.10
C ALA A 271 13.37 3.18 -34.10
N PHE A 272 12.63 3.60 -33.06
CA PHE A 272 11.18 3.38 -33.00
C PHE A 272 10.42 4.23 -34.00
N GLY A 273 10.99 5.36 -34.42
CA GLY A 273 10.33 6.23 -35.37
C GLY A 273 9.29 7.16 -34.75
N ALA A 274 9.57 7.65 -33.55
CA ALA A 274 8.67 8.62 -32.92
C ALA A 274 8.48 9.85 -33.79
N GLU A 275 7.22 10.27 -33.93
CA GLU A 275 6.92 11.50 -34.70
C GLU A 275 7.06 12.76 -33.83
N ALA A 276 7.05 12.57 -32.52
CA ALA A 276 7.23 13.66 -31.56
C ALA A 276 7.61 12.99 -30.25
N ILE A 277 8.22 13.76 -29.37
CA ILE A 277 8.60 13.25 -28.06
C ILE A 277 7.95 14.12 -26.99
N VAL A 278 7.20 13.48 -26.08
CA VAL A 278 6.72 14.15 -24.87
C VAL A 278 7.78 13.91 -23.81
N VAL A 279 8.35 14.99 -23.29
CA VAL A 279 9.40 14.90 -22.29
C VAL A 279 8.77 15.09 -20.93
N SER A 280 8.80 14.04 -20.11
CA SER A 280 8.38 14.14 -18.71
C SER A 280 9.58 14.73 -17.95
N LEU A 281 9.55 16.04 -17.75
CA LEU A 281 10.67 16.76 -17.18
C LEU A 281 10.51 16.95 -15.67
N GLY A 282 11.26 16.17 -14.92
CA GLY A 282 11.47 16.50 -13.51
C GLY A 282 12.89 16.99 -13.36
N VAL A 283 13.09 17.98 -12.50
CA VAL A 283 14.44 18.48 -12.22
C VAL A 283 14.90 18.03 -10.83
N ASP A 284 14.28 16.96 -10.33
CA ASP A 284 14.74 16.33 -9.10
C ASP A 284 16.02 15.52 -9.29
N THR A 285 16.58 15.52 -10.49
CA THR A 285 17.91 15.00 -10.76
C THR A 285 19.02 15.94 -10.27
N PHE A 286 18.64 17.13 -9.79
CA PHE A 286 19.60 18.15 -9.38
C PHE A 286 20.36 17.73 -8.14
N GLU A 287 21.60 18.19 -8.06
CA GLU A 287 22.49 17.82 -6.97
C GLU A 287 22.00 18.30 -5.59
N GLN A 288 21.10 19.28 -5.55
N GLN A 288 21.10 19.28 -5.55
CA GLN A 288 20.54 19.74 -4.26
CA GLN A 288 20.55 19.77 -4.29
C GLN A 288 19.09 19.33 -4.06
C GLN A 288 19.17 19.20 -3.96
N ASP A 289 18.60 18.39 -4.84
CA ASP A 289 17.22 17.97 -4.64
C ASP A 289 17.09 17.24 -3.30
N PRO A 290 16.10 17.62 -2.47
CA PRO A 290 16.05 17.07 -1.11
C PRO A 290 15.66 15.61 -1.01
N ILE A 291 15.09 15.00 -2.03
CA ILE A 291 14.62 13.62 -1.89
C ILE A 291 15.26 12.67 -2.88
N SER A 292 16.33 13.10 -3.56
CA SER A 292 16.84 12.37 -4.71
C SER A 292 18.37 12.30 -4.64
N PHE A 293 18.98 11.40 -5.39
CA PHE A 293 20.40 11.12 -5.24
C PHE A 293 21.26 11.23 -6.50
N PHE A 294 20.80 11.94 -7.52
CA PHE A 294 21.67 12.25 -8.66
C PHE A 294 22.34 13.62 -8.47
N LYS A 295 23.32 13.90 -9.33
CA LYS A 295 24.23 15.03 -9.12
C LYS A 295 24.32 15.88 -10.36
N LEU A 296 23.19 16.15 -11.02
CA LEU A 296 23.21 17.09 -12.13
C LEU A 296 23.40 18.51 -11.62
N THR A 297 24.09 19.33 -12.41
CA THR A 297 24.30 20.74 -12.08
C THR A 297 23.39 21.59 -12.96
N SER A 298 23.22 22.86 -12.61
CA SER A 298 22.30 23.71 -13.39
C SER A 298 22.70 23.82 -14.87
N PRO A 299 24.00 23.97 -15.18
CA PRO A 299 24.36 23.98 -16.61
C PRO A 299 24.02 22.69 -17.35
N ASP A 300 23.98 21.56 -16.66
CA ASP A 300 23.70 20.29 -17.35
C ASP A 300 22.30 20.30 -17.97
N TYR A 301 21.37 21.08 -17.40
CA TYR A 301 20.02 21.12 -17.97
C TYR A 301 19.99 21.74 -19.36
N ILE A 302 20.88 22.70 -19.63
CA ILE A 302 20.98 23.27 -20.97
C ILE A 302 21.43 22.19 -21.95
N THR A 303 22.47 21.44 -21.56
CA THR A 303 22.97 20.34 -22.38
C THR A 303 21.87 19.34 -22.66
N MET A 304 21.12 19.00 -21.62
CA MET A 304 20.03 18.04 -21.74
C MET A 304 18.99 18.49 -22.77
N GLY A 305 18.50 19.72 -22.64
CA GLY A 305 17.52 20.21 -23.59
C GLY A 305 18.03 20.26 -25.02
N ARG A 306 19.28 20.67 -25.20
N ARG A 306 19.27 20.66 -25.19
CA ARG A 306 19.86 20.72 -26.52
CA ARG A 306 19.86 20.72 -26.52
C ARG A 306 19.94 19.31 -27.13
C ARG A 306 19.96 19.31 -27.13
N THR A 307 20.40 18.36 -26.33
CA THR A 307 20.53 16.99 -26.81
C THR A 307 19.18 16.41 -27.21
N ILE A 308 18.17 16.60 -26.37
CA ILE A 308 16.86 16.03 -26.68
C ILE A 308 16.30 16.68 -27.96
N ALA A 309 16.47 17.99 -28.10
CA ALA A 309 15.94 18.69 -29.28
C ALA A 309 16.71 18.35 -30.56
N ALA A 310 17.94 17.88 -30.44
N ALA A 310 17.93 17.85 -30.43
CA ALA A 310 18.87 17.82 -31.57
CA ALA A 310 18.74 17.46 -31.59
C ALA A 310 18.35 17.13 -32.83
C ALA A 310 18.22 16.16 -32.21
N SER A 311 17.45 16.17 -32.69
N SER A 311 17.23 15.56 -31.59
CA SER A 311 17.01 15.37 -33.83
CA SER A 311 16.47 14.46 -32.19
C SER A 311 16.06 16.14 -34.74
C SER A 311 15.86 14.89 -33.51
N GLY A 312 15.41 17.18 -34.19
N GLY A 312 15.56 16.18 -33.62
CA GLY A 312 14.46 17.94 -34.98
CA GLY A 312 15.02 16.75 -34.83
C GLY A 312 13.02 17.51 -34.79
C GLY A 312 13.52 16.52 -34.96
N VAL A 313 12.80 16.34 -34.20
N VAL A 313 12.89 16.07 -33.87
CA VAL A 313 11.43 15.92 -33.94
CA VAL A 313 11.43 15.91 -33.87
C VAL A 313 10.84 16.85 -32.88
C VAL A 313 10.83 16.84 -32.84
N PRO A 314 9.56 17.22 -33.04
CA PRO A 314 8.93 18.15 -32.10
C PRO A 314 8.89 17.63 -30.68
N LEU A 315 9.00 18.56 -29.73
CA LEU A 315 9.01 18.24 -28.30
C LEU A 315 7.87 18.94 -27.57
N LEU A 316 7.16 18.20 -26.72
CA LEU A 316 6.31 18.82 -25.71
C LEU A 316 6.97 18.54 -24.38
N VAL A 317 7.35 19.57 -23.66
CA VAL A 317 7.93 19.39 -22.34
C VAL A 317 6.82 19.49 -21.32
N VAL A 318 6.67 18.45 -20.49
CA VAL A 318 5.61 18.36 -19.50
C VAL A 318 6.23 18.31 -18.12
N MET A 319 5.86 19.25 -17.26
CA MET A 319 6.46 19.34 -15.92
C MET A 319 6.08 18.17 -15.02
N GLU A 320 7.08 17.61 -14.35
CA GLU A 320 6.93 16.56 -13.35
C GLU A 320 7.48 17.10 -12.01
N GLY A 321 8.48 16.43 -11.43
CA GLY A 321 8.98 16.78 -10.10
C GLY A 321 10.19 17.71 -10.08
N GLY A 322 10.83 17.78 -8.90
CA GLY A 322 11.87 18.76 -8.59
C GLY A 322 11.43 19.62 -7.42
N TYR A 323 12.21 19.59 -6.33
CA TYR A 323 11.71 20.06 -5.02
C TYR A 323 12.67 20.99 -4.28
N GLY A 324 12.12 21.69 -3.31
CA GLY A 324 12.89 22.23 -2.20
C GLY A 324 13.51 23.59 -2.38
N VAL A 325 14.11 23.84 -3.54
N VAL A 325 14.35 23.71 -3.41
CA VAL A 325 14.75 25.12 -3.77
CA VAL A 325 15.35 24.77 -3.56
C VAL A 325 14.20 25.82 -5.01
C VAL A 325 14.98 25.74 -4.67
N PRO A 326 14.18 27.16 -5.00
N PRO A 326 15.46 27.00 -4.59
CA PRO A 326 13.65 27.87 -6.18
CA PRO A 326 15.08 27.99 -5.59
C PRO A 326 14.46 27.62 -7.46
C PRO A 326 15.48 27.60 -7.01
N GLU A 327 15.69 27.12 -7.33
N GLU A 327 16.49 26.74 -7.12
CA GLU A 327 16.51 26.79 -8.49
CA GLU A 327 16.98 26.37 -8.44
C GLU A 327 15.91 25.69 -9.32
C GLU A 327 16.05 25.48 -9.30
N ILE A 328 14.90 25.01 -8.79
CA ILE A 328 14.06 24.18 -9.65
C ILE A 328 13.61 24.98 -10.89
N GLY A 329 13.37 26.26 -10.68
CA GLY A 329 12.99 27.13 -11.79
C GLY A 329 14.10 27.33 -12.80
N LEU A 330 15.28 27.73 -12.32
CA LEU A 330 16.44 27.87 -13.18
C LEU A 330 16.68 26.60 -13.99
N ASN A 331 16.57 25.46 -13.32
CA ASN A 331 16.85 24.20 -13.99
C ASN A 331 15.86 23.90 -15.10
N VAL A 332 14.58 24.12 -14.84
CA VAL A 332 13.58 23.96 -15.90
C VAL A 332 13.83 24.95 -17.03
N ALA A 333 14.02 26.21 -16.69
CA ALA A 333 14.29 27.24 -17.70
C ALA A 333 15.50 26.86 -18.54
N ASN A 334 16.51 26.25 -17.93
CA ASN A 334 17.70 25.85 -18.65
C ASN A 334 17.42 24.75 -19.65
N VAL A 335 16.54 23.80 -19.31
CA VAL A 335 16.15 22.80 -20.32
C VAL A 335 15.52 23.52 -21.52
N LEU A 336 14.62 24.46 -21.24
CA LEU A 336 13.97 25.19 -22.34
C LEU A 336 14.96 25.99 -23.17
N LYS A 337 15.98 26.58 -22.54
CA LYS A 337 17.01 27.30 -23.27
C LYS A 337 17.75 26.34 -24.18
N GLY A 338 18.03 25.12 -23.71
CA GLY A 338 18.70 24.14 -24.56
C GLY A 338 17.83 23.76 -25.76
N VAL A 339 16.54 23.58 -25.53
CA VAL A 339 15.61 23.27 -26.62
C VAL A 339 15.54 24.40 -27.63
N ALA A 340 15.48 25.64 -27.14
CA ALA A 340 15.25 26.81 -27.99
C ALA A 340 16.49 27.36 -28.69
N GLY A 341 17.67 27.02 -28.19
CA GLY A 341 18.90 27.61 -28.68
C GLY A 341 19.41 27.04 -29.99
N MET B 1 -8.96 -23.45 32.38
N MET B 1 -8.56 -24.28 33.09
CA MET B 1 -7.85 -23.87 31.53
CA MET B 1 -7.68 -24.24 31.93
C MET B 1 -6.64 -22.99 31.78
C MET B 1 -6.54 -23.24 32.15
N ARG B 2 -5.43 -23.50 31.49
CA ARG B 2 -4.26 -22.69 31.65
C ARG B 2 -4.34 -21.48 30.73
N VAL B 3 -3.84 -20.35 31.24
CA VAL B 3 -3.73 -19.11 30.49
C VAL B 3 -2.23 -18.86 30.32
N ILE B 4 -1.79 -18.74 29.07
N ILE B 4 -1.78 -18.69 29.08
CA ILE B 4 -0.38 -18.46 28.77
CA ILE B 4 -0.37 -18.46 28.79
C ILE B 4 -0.26 -16.99 28.40
C ILE B 4 -0.19 -17.02 28.34
N PHE B 5 0.64 -16.27 29.05
CA PHE B 5 0.74 -14.83 28.86
C PHE B 5 2.14 -14.33 29.17
N SER B 6 2.69 -13.52 28.27
CA SER B 6 4.00 -12.92 28.48
C SER B 6 3.93 -11.43 28.75
N GLU B 7 4.60 -10.97 29.81
CA GLU B 7 4.70 -9.55 30.08
C GLU B 7 5.50 -8.84 29.00
N ASP B 8 6.22 -9.59 28.15
CA ASP B 8 6.97 -8.94 27.09
C ASP B 8 6.11 -8.36 25.97
N HIS B 9 4.80 -8.58 26.02
CA HIS B 9 3.91 -7.92 25.07
C HIS B 9 4.14 -6.42 25.13
N LYS B 10 4.46 -5.90 26.30
CA LYS B 10 4.57 -4.44 26.48
C LYS B 10 5.72 -3.82 25.72
N LEU B 11 6.65 -4.65 25.23
CA LEU B 11 7.72 -4.16 24.36
C LEU B 11 7.17 -3.57 23.07
N ARG B 12 5.97 -3.98 22.67
CA ARG B 12 5.30 -3.22 21.63
C ARG B 12 4.36 -2.21 22.24
N ASN B 13 4.78 -0.96 22.15
CA ASN B 13 4.02 0.16 22.65
C ASN B 13 4.21 1.30 21.68
N ALA B 14 3.73 1.09 20.47
CA ALA B 14 3.86 2.08 19.41
C ALA B 14 3.13 3.36 19.79
N LYS B 15 3.66 4.47 19.32
CA LYS B 15 3.09 5.79 19.59
C LYS B 15 2.04 6.20 18.57
N THR B 16 2.12 5.66 17.37
CA THR B 16 1.30 6.17 16.28
C THR B 16 0.65 5.09 15.45
N GLU B 17 -0.55 5.40 14.98
CA GLU B 17 -1.29 4.57 14.03
C GLU B 17 -1.92 5.54 13.04
N LEU B 18 -1.82 5.25 11.76
CA LEU B 18 -2.45 6.07 10.74
C LEU B 18 -3.93 5.68 10.66
N TYR B 19 -4.81 6.59 11.05
CA TYR B 19 -6.26 6.33 11.12
C TYR B 19 -6.97 7.61 10.69
N GLY B 20 -7.80 7.53 9.66
CA GLY B 20 -8.55 8.70 9.20
C GLY B 20 -7.67 9.86 8.77
N GLY B 21 -6.51 9.55 8.17
CA GLY B 21 -5.58 10.56 7.72
C GLY B 21 -4.86 11.30 8.84
N GLU B 22 -4.86 10.74 10.04
CA GLU B 22 -4.15 11.32 11.19
C GLU B 22 -3.29 10.26 11.84
N LEU B 23 -2.25 10.68 12.54
CA LEU B 23 -1.48 9.75 13.35
C LEU B 23 -2.01 9.85 14.77
N VAL B 24 -2.62 8.77 15.25
CA VAL B 24 -3.32 8.75 16.53
C VAL B 24 -2.71 7.68 17.42
N PRO B 25 -3.01 7.69 18.73
CA PRO B 25 -2.51 6.60 19.58
C PRO B 25 -3.11 5.26 19.11
N PRO B 26 -2.30 4.20 19.01
CA PRO B 26 -2.83 2.96 18.46
C PRO B 26 -3.98 2.37 19.27
N PHE B 27 -4.94 1.79 18.56
CA PHE B 27 -5.97 1.01 19.23
C PHE B 27 -5.41 -0.22 19.92
N GLU B 28 -4.41 -0.84 19.29
CA GLU B 28 -3.86 -2.10 19.79
C GLU B 28 -2.74 -1.80 20.77
N ALA B 29 -3.15 -1.43 21.98
CA ALA B 29 -2.26 -0.87 22.99
C ALA B 29 -2.06 -1.83 24.15
N PRO B 30 -0.96 -1.69 24.89
CA PRO B 30 -0.66 -2.63 25.99
C PRO B 30 -1.79 -2.80 27.01
N PHE B 31 -2.54 -1.72 27.29
CA PHE B 31 -3.62 -1.82 28.26
C PHE B 31 -4.66 -2.88 27.90
N ARG B 32 -4.77 -3.24 26.62
CA ARG B 32 -5.69 -4.31 26.25
C ARG B 32 -5.36 -5.60 27.00
N ALA B 33 -4.08 -5.97 27.02
CA ALA B 33 -3.71 -7.23 27.66
C ALA B 33 -3.96 -7.14 29.16
N GLU B 34 -3.73 -5.97 29.73
CA GLU B 34 -3.99 -5.77 31.15
C GLU B 34 -5.48 -5.95 31.47
N TRP B 35 -6.34 -5.34 30.67
CA TRP B 35 -7.78 -5.49 30.84
C TRP B 35 -8.23 -6.95 30.72
N ILE B 36 -7.70 -7.65 29.72
CA ILE B 36 -8.11 -9.02 29.48
C ILE B 36 -7.61 -9.94 30.59
N LEU B 37 -6.35 -9.79 30.98
CA LEU B 37 -5.79 -10.64 32.03
C LEU B 37 -6.58 -10.46 33.32
N ALA B 38 -6.87 -9.22 33.70
CA ALA B 38 -7.61 -8.97 34.94
C ALA B 38 -9.00 -9.62 34.92
N ALA B 39 -9.67 -9.52 33.77
CA ALA B 39 -11.01 -10.09 33.65
C ALA B 39 -11.00 -11.62 33.67
N VAL B 40 -10.03 -12.24 33.01
CA VAL B 40 -10.02 -13.69 33.02
C VAL B 40 -9.72 -14.21 34.43
N LYS B 41 -8.81 -13.54 35.15
CA LYS B 41 -8.56 -13.90 36.54
C LYS B 41 -9.81 -13.72 37.38
N GLU B 42 -10.54 -12.62 37.17
CA GLU B 42 -11.74 -12.35 37.93
C GLU B 42 -12.79 -13.46 37.72
N ALA B 43 -12.79 -14.04 36.52
CA ALA B 43 -13.71 -15.12 36.17
C ALA B 43 -13.24 -16.47 36.68
N GLY B 44 -12.12 -16.51 37.40
CA GLY B 44 -11.64 -17.76 37.98
C GLY B 44 -10.53 -18.44 37.20
N PHE B 45 -10.11 -17.86 36.09
CA PHE B 45 -9.02 -18.42 35.31
C PHE B 45 -7.70 -17.85 35.77
N ASP B 46 -7.23 -18.33 36.92
CA ASP B 46 -6.02 -17.76 37.50
C ASP B 46 -4.79 -18.67 37.39
N ASP B 47 -4.88 -19.74 36.60
CA ASP B 47 -3.70 -20.57 36.31
C ASP B 47 -2.95 -19.90 35.16
N VAL B 48 -2.25 -18.81 35.46
CA VAL B 48 -1.58 -17.99 34.47
C VAL B 48 -0.08 -18.26 34.54
N VAL B 49 0.51 -18.57 33.41
CA VAL B 49 1.93 -18.88 33.34
C VAL B 49 2.57 -18.18 32.17
N ALA B 50 3.83 -17.76 32.31
CA ALA B 50 4.59 -17.21 31.20
C ALA B 50 4.96 -18.33 30.24
N PRO B 51 5.07 -18.02 28.94
CA PRO B 51 5.54 -19.05 28.01
C PRO B 51 7.03 -19.28 28.16
N ALA B 52 7.47 -20.49 27.84
CA ALA B 52 8.88 -20.72 27.57
C ALA B 52 9.22 -19.97 26.29
N ARG B 53 10.46 -19.51 26.15
N ARG B 53 10.46 -19.53 26.17
CA ARG B 53 10.86 -18.89 24.90
CA ARG B 53 10.89 -18.92 24.91
C ARG B 53 11.05 -19.95 23.82
C ARG B 53 10.97 -19.98 23.82
N HIS B 54 10.83 -19.55 22.57
CA HIS B 54 10.99 -20.44 21.43
C HIS B 54 11.77 -19.77 20.34
N GLY B 55 12.54 -20.56 19.61
CA GLY B 55 13.20 -20.07 18.41
C GLY B 55 12.28 -20.17 17.22
N LEU B 56 12.86 -20.17 16.02
CA LEU B 56 12.10 -19.98 14.81
C LEU B 56 11.69 -21.26 14.08
N GLU B 57 11.91 -22.43 14.68
CA GLU B 57 11.62 -23.68 13.98
C GLU B 57 10.19 -23.74 13.45
N THR B 58 9.22 -23.54 14.31
CA THR B 58 7.84 -23.69 13.90
C THR B 58 7.42 -22.57 12.96
N VAL B 59 7.79 -21.34 13.31
CA VAL B 59 7.31 -20.19 12.54
C VAL B 59 7.85 -20.17 11.12
N LEU B 60 9.04 -20.72 10.91
CA LEU B 60 9.60 -20.78 9.56
C LEU B 60 8.78 -21.67 8.63
N LYS B 61 7.89 -22.50 9.18
CA LYS B 61 7.06 -23.35 8.35
C LYS B 61 5.78 -22.66 7.88
N VAL B 62 5.48 -21.50 8.46
CA VAL B 62 4.30 -20.74 8.03
C VAL B 62 4.64 -19.35 7.48
N HIS B 63 5.76 -18.75 7.89
CA HIS B 63 6.19 -17.45 7.34
C HIS B 63 7.46 -17.63 6.54
N ASP B 64 7.58 -16.78 5.53
CA ASP B 64 8.76 -16.69 4.69
C ASP B 64 9.98 -16.23 5.50
N ALA B 65 11.14 -16.84 5.23
CA ALA B 65 12.35 -16.51 5.96
C ALA B 65 12.82 -15.08 5.74
N GLY B 66 12.74 -14.59 4.51
CA GLY B 66 13.09 -13.21 4.21
C GLY B 66 12.24 -12.23 4.99
N TYR B 67 10.95 -12.52 5.08
CA TYR B 67 10.03 -11.71 5.88
C TYR B 67 10.43 -11.64 7.35
N LEU B 68 10.72 -12.80 7.94
CA LEU B 68 11.14 -12.82 9.34
C LEU B 68 12.46 -12.06 9.54
N ASN B 69 13.37 -12.25 8.60
N ASN B 69 13.41 -12.24 8.62
CA ASN B 69 14.65 -11.55 8.62
CA ASN B 69 14.66 -11.49 8.70
C ASN B 69 14.47 -10.03 8.53
C ASN B 69 14.40 -9.98 8.63
N PHE B 70 13.48 -9.60 7.76
CA PHE B 70 13.13 -8.20 7.63
C PHE B 70 12.60 -7.66 8.97
N LEU B 71 11.69 -8.38 9.61
CA LEU B 71 11.11 -7.90 10.86
C LEU B 71 12.17 -7.75 11.94
N GLU B 72 13.16 -8.63 11.94
N GLU B 72 13.14 -8.66 11.95
CA GLU B 72 14.18 -8.66 12.98
CA GLU B 72 14.23 -8.67 12.94
C GLU B 72 15.06 -7.41 12.98
C GLU B 72 14.94 -7.32 12.99
N THR B 73 15.20 -6.74 11.82
CA THR B 73 16.05 -5.56 11.76
C THR B 73 15.36 -4.30 11.26
N ALA B 74 14.05 -4.37 11.03
CA ALA B 74 13.34 -3.26 10.39
C ALA B 74 13.50 -1.95 11.19
N TRP B 75 13.29 -2.01 12.50
CA TRP B 75 13.39 -0.81 13.30
C TRP B 75 14.78 -0.20 13.24
N ASP B 76 15.79 -1.04 13.44
CA ASP B 76 17.16 -0.56 13.42
C ASP B 76 17.48 0.13 12.10
N ARG B 77 17.05 -0.48 11.00
CA ARG B 77 17.34 0.08 9.70
C ARG B 77 16.60 1.37 9.44
N TRP B 78 15.36 1.45 9.89
CA TRP B 78 14.57 2.65 9.72
C TRP B 78 15.23 3.81 10.45
N LYS B 79 15.60 3.56 11.70
CA LYS B 79 16.25 4.59 12.50
C LYS B 79 17.59 5.02 11.88
N ALA B 80 18.36 4.05 11.39
CA ALA B 80 19.66 4.33 10.78
C ALA B 80 19.53 5.18 9.52
N ALA B 81 18.39 5.07 8.84
CA ALA B 81 18.15 5.84 7.63
C ALA B 81 17.80 7.29 7.92
N GLY B 82 17.63 7.62 9.19
CA GLY B 82 17.43 9.00 9.60
C GLY B 82 15.98 9.48 9.74
N TYR B 83 15.02 8.58 9.57
N TYR B 83 15.02 8.60 9.51
CA TYR B 83 13.62 8.98 9.67
CA TYR B 83 13.61 8.97 9.61
C TYR B 83 13.22 9.30 11.10
C TYR B 83 13.25 9.32 11.06
N LYS B 84 12.34 10.28 11.24
CA LYS B 84 12.02 10.81 12.56
C LYS B 84 10.81 10.15 13.24
N GLY B 85 9.88 9.61 12.46
CA GLY B 85 8.72 8.96 13.02
C GLY B 85 8.93 7.47 13.19
N GLU B 86 7.86 6.76 13.51
CA GLU B 86 7.92 5.31 13.52
C GLU B 86 7.93 4.77 12.09
N ALA B 87 8.15 3.46 11.94
CA ALA B 87 8.39 2.90 10.62
C ALA B 87 7.07 2.53 9.96
N ILE B 88 6.69 3.31 8.97
CA ILE B 88 5.40 3.17 8.29
C ILE B 88 5.63 3.11 6.80
N ALA B 89 5.15 2.05 6.18
CA ALA B 89 5.25 1.86 4.74
C ALA B 89 4.42 2.87 3.96
N THR B 90 4.91 3.26 2.79
CA THR B 90 4.24 4.20 1.90
C THR B 90 3.94 3.54 0.53
N SER B 91 4.97 3.00 -0.09
N SER B 91 4.96 3.02 -0.12
CA SER B 91 4.80 2.32 -1.37
CA SER B 91 4.82 2.44 -1.46
C SER B 91 4.48 0.87 -1.19
C SER B 91 4.62 0.92 -1.34
N PHE B 92 3.67 0.37 -2.09
CA PHE B 92 3.29 -1.03 -2.02
C PHE B 92 3.34 -1.70 -3.38
N PRO B 93 3.63 -3.01 -3.40
CA PRO B 93 3.65 -3.76 -4.66
C PRO B 93 2.23 -4.17 -5.02
N VAL B 94 1.57 -3.27 -5.74
CA VAL B 94 0.17 -3.41 -6.10
C VAL B 94 0.06 -4.00 -7.51
N ARG B 95 -1.06 -3.75 -8.19
CA ARG B 95 -1.32 -4.36 -9.50
C ARG B 95 -0.17 -4.11 -10.47
N ARG B 96 0.26 -5.15 -11.19
CA ARG B 96 1.16 -5.01 -12.33
C ARG B 96 2.52 -4.42 -11.94
N THR B 97 3.00 -4.79 -10.76
CA THR B 97 4.35 -4.40 -10.33
C THR B 97 5.34 -5.52 -10.55
N SER B 98 6.61 -5.17 -10.52
CA SER B 98 7.69 -6.15 -10.52
C SER B 98 7.59 -7.00 -9.26
N PRO B 99 7.97 -8.28 -9.35
CA PRO B 99 8.01 -9.13 -8.14
C PRO B 99 9.30 -8.97 -7.36
N ARG B 100 10.24 -8.15 -7.84
CA ARG B 100 11.55 -8.06 -7.20
C ARG B 100 11.47 -7.42 -5.81
N ILE B 101 12.38 -7.84 -4.95
CA ILE B 101 12.47 -7.31 -3.61
C ILE B 101 13.49 -6.17 -3.59
N PRO B 102 13.08 -4.97 -3.16
CA PRO B 102 14.05 -3.86 -3.03
C PRO B 102 15.12 -4.17 -2.02
N THR B 103 16.16 -3.36 -1.99
CA THR B 103 17.22 -3.57 -1.02
C THR B 103 17.15 -2.62 0.17
N ASP B 104 16.60 -1.43 0.00
CA ASP B 104 16.63 -0.47 1.10
C ASP B 104 15.44 -0.60 2.03
N ILE B 105 15.49 0.11 3.15
CA ILE B 105 14.43 -0.06 4.14
C ILE B 105 13.09 0.46 3.64
N GLU B 106 13.08 1.57 2.91
CA GLU B 106 11.86 2.15 2.37
CA GLU B 106 11.78 2.09 2.43
C GLU B 106 11.13 1.15 1.45
N GLY B 107 11.90 0.58 0.53
CA GLY B 107 11.36 -0.40 -0.39
C GLY B 107 10.94 -1.68 0.31
N GLN B 108 11.78 -2.18 1.21
CA GLN B 108 11.45 -3.43 1.88
C GLN B 108 10.27 -3.33 2.82
N ILE B 109 10.11 -2.21 3.52
CA ILE B 109 8.97 -2.13 4.44
C ILE B 109 7.66 -2.21 3.66
N GLY B 110 7.61 -1.60 2.47
CA GLY B 110 6.45 -1.75 1.61
C GLY B 110 6.30 -3.15 1.04
N TYR B 111 7.41 -3.73 0.61
CA TYR B 111 7.35 -5.08 0.05
C TYR B 111 6.71 -6.05 1.05
N TYR B 112 7.08 -5.89 2.32
CA TYR B 112 6.67 -6.81 3.39
C TYR B 112 5.46 -6.35 4.20
N CYS B 113 4.65 -5.45 3.62
CA CYS B 113 3.51 -4.88 4.36
C CYS B 113 2.23 -4.96 3.55
N ASN B 114 1.10 -5.22 4.20
CA ASN B 114 -0.18 -5.20 3.53
C ASN B 114 -1.06 -4.02 3.94
N ALA B 115 -0.61 -3.21 4.89
CA ALA B 115 -1.44 -2.13 5.42
C ALA B 115 -0.62 -1.12 6.20
N ALA B 116 -0.72 0.15 5.81
CA ALA B 116 0.08 1.23 6.37
C ALA B 116 -0.43 1.78 7.70
N GLU B 117 -1.50 1.17 8.19
N GLU B 117 -1.50 1.23 8.26
CA GLU B 117 -2.08 1.56 9.46
CA GLU B 117 -1.90 1.77 9.55
C GLU B 117 -1.39 0.86 10.65
C GLU B 117 -0.99 1.29 10.67
N THR B 118 -0.24 0.23 10.40
CA THR B 118 0.56 -0.45 11.42
C THR B 118 2.00 0.04 11.31
N ALA B 119 2.47 0.75 12.34
CA ALA B 119 3.86 1.20 12.41
C ALA B 119 4.71 0.18 13.13
N ILE B 120 5.93 -0.04 12.65
CA ILE B 120 6.92 -0.80 13.41
C ILE B 120 7.63 0.17 14.36
N SER B 121 7.78 -0.25 15.62
CA SER B 121 8.32 0.58 16.67
C SER B 121 9.38 -0.26 17.41
N PRO B 122 10.26 0.40 18.19
CA PRO B 122 11.28 -0.37 18.91
C PRO B 122 10.62 -1.36 19.88
N GLY B 123 11.07 -2.60 19.88
CA GLY B 123 10.50 -3.60 20.74
C GLY B 123 9.44 -4.47 20.04
N THR B 124 9.02 -4.06 18.83
CA THR B 124 7.98 -4.80 18.12
C THR B 124 8.35 -6.25 17.85
N TRP B 125 9.56 -6.48 17.35
CA TRP B 125 9.99 -7.85 17.05
C TRP B 125 10.02 -8.72 18.31
N GLU B 126 10.62 -8.19 19.37
N GLU B 126 10.61 -8.22 19.38
CA GLU B 126 10.70 -8.90 20.64
CA GLU B 126 10.67 -8.98 20.63
C GLU B 126 9.31 -9.23 21.16
C GLU B 126 9.28 -9.25 21.20
N ALA B 127 8.40 -8.26 21.12
CA ALA B 127 7.03 -8.48 21.57
C ALA B 127 6.37 -9.57 20.73
N ALA B 128 6.54 -9.49 19.41
CA ALA B 128 5.92 -10.46 18.53
C ALA B 128 6.43 -11.86 18.81
N LEU B 129 7.71 -12.01 19.10
CA LEU B 129 8.26 -13.31 19.46
C LEU B 129 7.67 -13.84 20.75
N SER B 130 7.43 -12.95 21.72
CA SER B 130 6.83 -13.39 22.99
C SER B 130 5.40 -13.87 22.79
N SER B 131 4.69 -13.20 21.89
CA SER B 131 3.29 -13.51 21.62
C SER B 131 3.22 -14.86 20.90
N MET B 132 4.12 -15.04 19.95
N MET B 132 4.15 -15.05 19.98
CA MET B 132 4.30 -16.33 19.28
CA MET B 132 4.30 -16.29 19.27
C MET B 132 4.55 -17.44 20.31
C MET B 132 4.64 -17.45 20.24
N ALA B 133 5.44 -17.17 21.25
CA ALA B 133 5.76 -18.15 22.28
C ALA B 133 4.53 -18.54 23.09
N SER B 134 3.66 -17.57 23.41
CA SER B 134 2.43 -17.91 24.14
C SER B 134 1.55 -18.84 23.32
N ALA B 135 1.47 -18.61 22.02
CA ALA B 135 0.71 -19.50 21.14
C ALA B 135 1.33 -20.90 21.08
N ILE B 136 2.65 -20.97 20.97
CA ILE B 136 3.33 -22.27 20.93
C ILE B 136 3.10 -23.07 22.22
N ASP B 137 3.27 -22.42 23.37
CA ASP B 137 3.05 -23.15 24.62
C ASP B 137 1.60 -23.61 24.78
N GLY B 138 0.65 -22.80 24.32
CA GLY B 138 -0.74 -23.21 24.32
C GLY B 138 -0.95 -24.45 23.46
N ALA B 139 -0.39 -24.42 22.26
CA ALA B 139 -0.48 -25.55 21.35
C ALA B 139 0.13 -26.79 21.98
N ASP B 140 1.28 -26.63 22.65
CA ASP B 140 1.93 -27.77 23.28
C ASP B 140 1.04 -28.40 24.36
N LEU B 141 0.25 -27.59 25.07
CA LEU B 141 -0.69 -28.15 26.05
C LEU B 141 -1.73 -28.99 25.36
N ILE B 142 -2.30 -28.49 24.27
CA ILE B 142 -3.28 -29.25 23.53
C ILE B 142 -2.66 -30.53 22.97
N ALA B 143 -1.45 -30.41 22.44
CA ALA B 143 -0.76 -31.60 21.91
C ALA B 143 -0.54 -32.66 22.97
N ALA B 144 -0.36 -32.23 24.21
CA ALA B 144 -0.07 -33.15 25.31
C ALA B 144 -1.32 -33.77 25.87
N GLY B 145 -2.49 -33.31 25.42
CA GLY B 145 -3.74 -33.91 25.83
C GLY B 145 -4.76 -33.05 26.57
N HIS B 146 -4.49 -31.76 26.77
CA HIS B 146 -5.48 -30.89 27.39
C HIS B 146 -6.57 -30.57 26.39
N LYS B 147 -7.78 -30.33 26.89
CA LYS B 147 -8.88 -30.06 25.98
C LYS B 147 -9.15 -28.58 25.73
N ALA B 148 -8.53 -27.72 26.54
CA ALA B 148 -8.64 -26.27 26.34
C ALA B 148 -7.44 -25.57 26.93
N ALA B 149 -7.06 -24.44 26.35
CA ALA B 149 -6.06 -23.53 26.88
C ALA B 149 -6.31 -22.17 26.24
N PHE B 150 -5.83 -21.11 26.88
CA PHE B 150 -5.95 -19.75 26.34
C PHE B 150 -4.57 -19.12 26.24
N SER B 151 -4.18 -18.78 25.03
CA SER B 151 -2.95 -18.03 24.79
C SER B 151 -3.31 -16.54 24.64
N LEU B 152 -2.93 -15.76 25.63
CA LEU B 152 -3.21 -14.33 25.66
C LEU B 152 -2.14 -13.62 24.84
N CYS B 153 -2.28 -13.77 23.52
CA CYS B 153 -1.35 -13.19 22.57
C CYS B 153 -1.56 -11.69 22.43
N ARG B 154 -0.46 -10.95 22.42
CA ARG B 154 -0.43 -9.55 22.03
C ARG B 154 1.03 -9.29 21.66
N PRO B 155 1.31 -8.75 20.45
CA PRO B 155 0.36 -8.33 19.41
C PRO B 155 -0.36 -9.51 18.80
N PRO B 156 -1.52 -9.22 18.19
CA PRO B 156 -2.32 -10.24 17.52
C PRO B 156 -1.63 -10.69 16.24
N GLY B 157 -2.24 -11.63 15.54
CA GLY B 157 -1.57 -12.33 14.45
C GLY B 157 -2.30 -12.50 13.12
N HIS B 158 -3.63 -12.43 13.09
CA HIS B 158 -4.31 -13.04 11.94
C HIS B 158 -4.26 -12.26 10.62
N HIS B 159 -3.79 -11.02 10.65
CA HIS B 159 -3.53 -10.28 9.40
C HIS B 159 -2.12 -10.50 8.84
N ALA B 160 -1.24 -11.18 9.57
CA ALA B 160 0.11 -11.43 9.06
C ALA B 160 0.04 -12.62 8.13
N GLY B 161 0.36 -12.39 6.85
CA GLY B 161 0.33 -13.45 5.85
C GLY B 161 1.71 -14.08 5.70
N ILE B 162 1.91 -14.85 4.63
CA ILE B 162 3.17 -15.58 4.50
C ILE B 162 4.34 -14.63 4.64
N ASP B 163 4.24 -13.49 3.97
CA ASP B 163 5.36 -12.54 3.91
C ASP B 163 4.93 -11.08 4.01
N MET B 164 3.91 -10.83 4.84
N MET B 164 3.90 -10.81 4.82
N MET B 164 3.92 -10.81 4.84
CA MET B 164 3.39 -9.48 5.06
CA MET B 164 3.50 -9.42 5.03
CA MET B 164 3.51 -9.42 5.05
C MET B 164 2.93 -9.24 6.48
C MET B 164 2.86 -9.18 6.39
C MET B 164 2.88 -9.19 6.40
N PHE B 165 3.22 -8.05 6.99
CA PHE B 165 2.64 -7.58 8.27
C PHE B 165 1.56 -6.53 7.97
N GLY B 166 0.68 -6.30 8.93
CA GLY B 166 -0.36 -5.29 8.79
C GLY B 166 -1.50 -5.59 9.75
N GLY B 167 -2.44 -4.65 9.88
CA GLY B 167 -3.58 -4.88 10.75
C GLY B 167 -3.18 -5.19 12.18
N TYR B 168 -2.07 -4.57 12.61
CA TYR B 168 -1.56 -4.65 14.00
C TYR B 168 -0.83 -5.96 14.27
N CYS B 169 -0.58 -6.74 13.22
CA CYS B 169 -0.06 -8.12 13.34
C CYS B 169 1.27 -8.28 12.63
N PHE B 170 2.15 -9.12 13.19
CA PHE B 170 3.49 -9.36 12.64
C PHE B 170 3.80 -10.84 12.47
N ILE B 171 3.49 -11.65 13.48
CA ILE B 171 3.66 -13.09 13.38
C ILE B 171 2.27 -13.68 13.57
N ASN B 172 1.90 -14.60 12.69
CA ASN B 172 0.55 -15.17 12.76
C ASN B 172 0.53 -16.26 13.82
N ASN B 173 0.22 -15.84 15.04
CA ASN B 173 0.24 -16.72 16.20
C ASN B 173 -0.63 -17.95 16.03
N ALA B 174 -1.85 -17.76 15.52
CA ALA B 174 -2.75 -18.89 15.29
C ALA B 174 -2.18 -19.87 14.28
N ALA B 175 -1.58 -19.35 13.22
CA ALA B 175 -0.96 -20.23 12.22
C ALA B 175 0.19 -21.01 12.82
N VAL B 176 1.01 -20.34 13.63
CA VAL B 176 2.12 -21.02 14.29
C VAL B 176 1.60 -22.12 15.21
N ALA B 177 0.51 -21.83 15.94
CA ALA B 177 -0.07 -22.85 16.82
C ALA B 177 -0.58 -24.06 16.02
N ALA B 178 -1.28 -23.80 14.92
CA ALA B 178 -1.76 -24.91 14.08
C ALA B 178 -0.59 -25.75 13.59
N GLN B 179 0.45 -25.09 13.09
CA GLN B 179 1.66 -25.78 12.66
C GLN B 179 2.28 -26.62 13.77
N ARG B 180 2.31 -26.04 14.97
CA ARG B 180 2.89 -26.75 16.11
C ARG B 180 2.10 -28.04 16.38
N LEU B 181 0.78 -27.94 16.33
CA LEU B 181 -0.04 -29.14 16.54
C LEU B 181 0.22 -30.21 15.48
N LEU B 182 0.37 -29.80 14.21
CA LEU B 182 0.74 -30.74 13.16
C LEU B 182 2.10 -31.36 13.46
N ASP B 183 3.07 -30.53 13.85
CA ASP B 183 4.43 -31.03 14.12
C ASP B 183 4.45 -32.02 15.29
N LYS B 184 3.54 -31.86 16.23
CA LYS B 184 3.47 -32.72 17.40
C LYS B 184 2.66 -33.98 17.13
N GLY B 185 2.13 -34.14 15.91
CA GLY B 185 1.50 -35.39 15.53
C GLY B 185 0.13 -35.34 14.89
N ALA B 186 -0.53 -34.18 14.90
CA ALA B 186 -1.83 -34.08 14.24
C ALA B 186 -1.66 -34.16 12.73
N LYS B 187 -2.68 -34.68 12.07
CA LYS B 187 -2.70 -34.68 10.60
C LYS B 187 -3.62 -33.62 10.01
N LYS B 188 -4.66 -33.26 10.74
CA LYS B 188 -5.63 -32.28 10.29
C LYS B 188 -5.99 -31.36 11.44
N ILE B 189 -5.92 -30.06 11.19
CA ILE B 189 -6.20 -29.05 12.21
C ILE B 189 -7.11 -28.01 11.57
N ALA B 190 -8.03 -27.40 12.33
CA ALA B 190 -8.80 -26.26 11.83
C ALA B 190 -8.45 -25.02 12.61
N ILE B 191 -8.52 -23.89 11.94
CA ILE B 191 -8.50 -22.59 12.59
C ILE B 191 -9.84 -21.92 12.33
N LEU B 192 -10.48 -21.47 13.42
CA LEU B 192 -11.80 -20.84 13.37
C LEU B 192 -11.62 -19.41 13.85
N ASP B 193 -11.82 -18.45 12.93
CA ASP B 193 -11.49 -17.05 13.21
C ASP B 193 -12.78 -16.27 13.43
N VAL B 194 -13.04 -15.95 14.69
CA VAL B 194 -14.29 -15.29 15.09
C VAL B 194 -14.10 -13.79 15.37
N ASP B 195 -12.89 -13.29 15.22
CA ASP B 195 -12.62 -11.86 15.25
C ASP B 195 -13.49 -11.17 14.19
N PHE B 196 -13.91 -9.95 14.44
CA PHE B 196 -14.72 -9.20 13.46
C PHE B 196 -14.07 -9.14 12.07
N HIS B 197 -12.75 -9.04 12.02
CA HIS B 197 -12.07 -8.86 10.76
C HIS B 197 -11.69 -10.18 10.12
N HIS B 198 -11.67 -10.23 8.79
CA HIS B 198 -11.24 -11.43 8.10
C HIS B 198 -9.77 -11.72 8.46
N GLY B 199 -9.45 -12.98 8.76
CA GLY B 199 -8.07 -13.38 8.98
C GLY B 199 -7.35 -13.64 7.66
N ASN B 200 -7.13 -12.57 6.91
CA ASN B 200 -6.51 -12.68 5.59
C ASN B 200 -5.12 -13.26 5.64
N GLY B 201 -4.37 -12.96 6.70
CA GLY B 201 -3.05 -13.53 6.85
C GLY B 201 -3.11 -15.04 7.02
N THR B 202 -4.01 -15.48 7.89
CA THR B 202 -4.17 -16.92 8.11
C THR B 202 -4.63 -17.59 6.82
N GLN B 203 -5.59 -16.97 6.14
CA GLN B 203 -6.08 -17.55 4.91
C GLN B 203 -4.93 -17.73 3.92
N ASP B 204 -4.10 -16.70 3.78
CA ASP B 204 -2.96 -16.73 2.86
C ASP B 204 -2.04 -17.89 3.19
N ILE B 205 -1.71 -18.07 4.45
CA ILE B 205 -0.76 -19.09 4.87
C ILE B 205 -1.24 -20.49 4.51
N PHE B 206 -2.54 -20.74 4.69
CA PHE B 206 -3.06 -22.10 4.50
C PHE B 206 -3.87 -22.32 3.22
N TYR B 207 -3.89 -21.34 2.33
CA TYR B 207 -4.81 -21.38 1.18
C TYR B 207 -4.54 -22.59 0.29
N GLU B 208 -3.27 -22.95 0.15
CA GLU B 208 -2.86 -24.06 -0.70
C GLU B 208 -2.40 -25.25 0.12
N ARG B 209 -2.89 -25.37 1.34
CA ARG B 209 -2.54 -26.50 2.20
C ARG B 209 -3.79 -27.28 2.58
N GLY B 210 -3.70 -28.59 2.40
CA GLY B 210 -4.83 -29.46 2.67
C GLY B 210 -4.86 -30.01 4.09
N ASP B 211 -3.86 -29.69 4.90
CA ASP B 211 -3.76 -30.18 6.28
C ASP B 211 -4.43 -29.25 7.29
N VAL B 212 -4.79 -28.05 6.84
CA VAL B 212 -5.45 -27.09 7.70
C VAL B 212 -6.70 -26.58 7.01
N PHE B 213 -7.79 -26.53 7.76
CA PHE B 213 -9.05 -25.95 7.31
C PHE B 213 -9.17 -24.58 8.00
N PHE B 214 -9.50 -23.54 7.24
CA PHE B 214 -9.64 -22.20 7.79
C PHE B 214 -11.06 -21.70 7.58
N ALA B 215 -11.73 -21.35 8.67
CA ALA B 215 -13.07 -20.74 8.60
C ALA B 215 -13.03 -19.39 9.26
N SER B 216 -13.64 -18.39 8.63
CA SER B 216 -13.68 -17.04 9.20
C SER B 216 -15.05 -16.45 9.05
N LEU B 217 -15.53 -15.85 10.15
CA LEU B 217 -16.77 -15.05 10.20
C LEU B 217 -16.29 -13.61 10.33
N HIS B 218 -16.84 -12.67 9.56
CA HIS B 218 -16.22 -11.35 9.53
C HIS B 218 -17.09 -10.34 8.82
N GLY B 219 -16.82 -9.07 9.10
CA GLY B 219 -17.38 -7.98 8.30
C GLY B 219 -17.03 -8.16 6.83
N ASP B 220 -18.03 -7.94 5.98
N ASP B 220 -18.03 -7.99 5.96
CA ASP B 220 -17.87 -8.07 4.54
CA ASP B 220 -17.81 -8.24 4.55
C ASP B 220 -16.68 -7.24 4.05
C ASP B 220 -16.77 -7.29 3.98
N PRO B 221 -15.75 -7.85 3.29
CA PRO B 221 -14.59 -7.04 2.86
C PRO B 221 -14.95 -5.90 1.93
N ALA B 222 -16.09 -5.96 1.29
CA ALA B 222 -16.53 -4.81 0.51
C ALA B 222 -16.64 -3.55 1.35
N GLU B 223 -16.83 -3.68 2.66
N GLU B 223 -16.91 -3.69 2.65
CA GLU B 223 -16.98 -2.51 3.53
CA GLU B 223 -17.00 -2.53 3.52
C GLU B 223 -16.23 -2.61 4.86
C GLU B 223 -16.30 -2.70 4.88
N ALA B 224 -15.25 -3.51 4.94
CA ALA B 224 -14.49 -3.68 6.16
C ALA B 224 -13.06 -4.07 5.88
N PHE B 225 -12.15 -3.55 6.69
CA PHE B 225 -10.78 -4.01 6.72
C PHE B 225 -10.81 -5.54 6.89
N PRO B 226 -9.96 -6.29 6.17
CA PRO B 226 -8.83 -5.88 5.34
C PRO B 226 -9.14 -5.52 3.89
N HIS B 227 -10.41 -5.54 3.48
N HIS B 227 -10.42 -5.66 3.50
CA HIS B 227 -10.79 -4.96 2.18
CA HIS B 227 -10.98 -5.24 2.20
C HIS B 227 -10.52 -5.82 0.93
C HIS B 227 -10.68 -6.11 0.98
N PHE B 228 -9.51 -6.70 0.97
CA PHE B 228 -9.03 -7.35 -0.27
C PHE B 228 -8.95 -8.86 -0.20
N LEU B 229 -9.63 -9.44 0.78
CA LEU B 229 -9.76 -10.89 0.89
C LEU B 229 -10.93 -11.13 1.80
N GLY B 230 -11.51 -12.33 1.78
CA GLY B 230 -12.57 -12.66 2.69
C GLY B 230 -13.91 -12.89 2.02
N TYR B 231 -13.96 -12.89 0.68
CA TYR B 231 -15.22 -13.17 -0.02
C TYR B 231 -15.57 -14.65 0.07
N ALA B 232 -16.85 -14.95 0.03
CA ALA B 232 -17.33 -16.32 0.13
C ALA B 232 -16.82 -17.22 -0.99
N GLU B 233 -16.52 -16.65 -2.15
CA GLU B 233 -16.09 -17.44 -3.29
C GLU B 233 -14.69 -18.05 -3.07
N GLU B 234 -13.93 -17.57 -2.09
CA GLU B 234 -12.57 -18.05 -1.87
C GLU B 234 -12.60 -19.33 -1.07
N THR B 235 -12.40 -20.48 -1.74
CA THR B 235 -12.56 -21.76 -1.07
C THR B 235 -11.26 -22.57 -1.02
N GLY B 236 -10.18 -22.04 -1.59
CA GLY B 236 -8.87 -22.71 -1.60
C GLY B 236 -8.36 -23.00 -2.99
N LYS B 237 -7.12 -23.43 -3.08
N LYS B 237 -7.13 -23.45 -3.07
CA LYS B 237 -6.46 -23.63 -4.36
CA LYS B 237 -6.45 -23.63 -4.35
C LYS B 237 -5.46 -24.77 -4.23
C LYS B 237 -5.46 -24.78 -4.22
N GLY B 238 -5.24 -25.52 -5.31
CA GLY B 238 -4.25 -26.59 -5.31
C GLY B 238 -4.52 -27.60 -4.21
N ALA B 239 -3.49 -27.90 -3.41
CA ALA B 239 -3.61 -28.89 -2.34
C ALA B 239 -4.65 -28.46 -1.30
N GLY B 240 -4.95 -27.16 -1.24
CA GLY B 240 -5.90 -26.64 -0.28
C GLY B 240 -7.32 -26.49 -0.79
N ALA B 241 -7.64 -27.07 -1.95
CA ALA B 241 -8.98 -26.96 -2.50
C ALA B 241 -10.00 -27.40 -1.45
N GLY B 242 -11.04 -26.59 -1.28
CA GLY B 242 -12.11 -26.90 -0.34
C GLY B 242 -11.81 -26.71 1.13
N THR B 243 -10.73 -26.00 1.48
CA THR B 243 -10.36 -25.85 2.89
C THR B 243 -10.36 -24.42 3.40
N THR B 244 -10.98 -23.50 2.67
CA THR B 244 -11.26 -22.17 3.20
C THR B 244 -12.78 -21.94 3.15
N ALA B 245 -13.35 -21.48 4.25
CA ALA B 245 -14.78 -21.14 4.32
C ALA B 245 -14.93 -19.77 4.95
N ASN B 246 -15.30 -18.79 4.11
CA ASN B 246 -15.51 -17.42 4.55
C ASN B 246 -16.99 -17.11 4.67
N TYR B 247 -17.34 -16.42 5.76
CA TYR B 247 -18.72 -16.03 6.07
C TYR B 247 -18.77 -14.52 6.27
N PRO B 248 -18.71 -13.75 5.17
CA PRO B 248 -18.84 -12.29 5.29
C PRO B 248 -20.25 -11.88 5.70
N MET B 249 -20.36 -10.88 6.57
CA MET B 249 -21.67 -10.42 7.06
C MET B 249 -21.66 -8.91 7.15
N GLY B 250 -22.87 -8.34 7.16
CA GLY B 250 -23.03 -6.91 7.03
C GLY B 250 -23.21 -6.11 8.30
N ARG B 251 -23.53 -4.83 8.12
CA ARG B 251 -23.61 -3.91 9.21
C ARG B 251 -24.74 -4.27 10.16
N GLY B 252 -24.43 -4.21 11.46
CA GLY B 252 -25.42 -4.43 12.50
C GLY B 252 -25.65 -5.90 12.83
N THR B 253 -24.87 -6.81 12.25
CA THR B 253 -25.17 -8.24 12.44
C THR B 253 -25.21 -8.62 13.92
N PRO B 254 -26.31 -9.22 14.40
CA PRO B 254 -26.42 -9.65 15.80
C PRO B 254 -26.15 -11.13 15.94
N TYR B 255 -26.14 -11.65 17.16
CA TYR B 255 -25.83 -13.06 17.35
C TYR B 255 -26.82 -13.99 16.66
N SER B 256 -28.09 -13.61 16.57
CA SER B 256 -29.05 -14.49 15.97
C SER B 256 -28.70 -14.86 14.53
N VAL B 257 -28.02 -13.95 13.83
CA VAL B 257 -27.51 -14.21 12.50
C VAL B 257 -26.09 -14.77 12.51
N TRP B 258 -25.23 -14.14 13.29
CA TRP B 258 -23.82 -14.55 13.34
C TRP B 258 -23.70 -16.01 13.81
N GLY B 259 -24.50 -16.39 14.80
CA GLY B 259 -24.49 -17.77 15.28
C GLY B 259 -24.88 -18.81 14.25
N GLU B 260 -25.70 -18.44 13.25
CA GLU B 260 -26.01 -19.38 12.18
C GLU B 260 -24.77 -19.67 11.35
N ALA B 261 -23.98 -18.65 11.07
CA ALA B 261 -22.72 -18.87 10.37
C ALA B 261 -21.78 -19.71 11.23
N LEU B 262 -21.76 -19.48 12.54
CA LEU B 262 -20.93 -20.28 13.43
C LEU B 262 -21.29 -21.76 13.33
N THR B 263 -22.59 -22.05 13.41
CA THR B 263 -23.08 -23.42 13.25
C THR B 263 -22.58 -24.05 11.97
N ASP B 264 -22.71 -23.30 10.87
CA ASP B 264 -22.28 -23.87 9.60
C ASP B 264 -20.77 -24.11 9.55
N SER B 265 -20.01 -23.15 10.08
CA SER B 265 -18.56 -23.30 10.06
C SER B 265 -18.15 -24.54 10.85
N LEU B 266 -18.84 -24.83 11.96
CA LEU B 266 -18.48 -25.99 12.76
C LEU B 266 -18.84 -27.30 12.06
N LYS B 267 -19.94 -27.30 11.31
N LYS B 267 -19.93 -27.29 11.31
CA LYS B 267 -20.30 -28.43 10.47
CA LYS B 267 -20.34 -28.43 10.51
C LYS B 267 -19.18 -28.70 9.44
C LYS B 267 -19.24 -28.77 9.51
N ARG B 268 -18.69 -27.64 8.80
N ARG B 268 -18.70 -27.76 8.85
CA ARG B 268 -17.62 -27.77 7.83
CA ARG B 268 -17.66 -27.95 7.84
C ARG B 268 -16.36 -28.35 8.47
C ARG B 268 -16.32 -28.36 8.46
N ILE B 269 -16.01 -27.82 9.64
CA ILE B 269 -14.83 -28.26 10.38
C ILE B 269 -14.96 -29.74 10.76
N ALA B 270 -16.13 -30.15 11.21
CA ALA B 270 -16.34 -31.55 11.58
C ALA B 270 -16.22 -32.45 10.35
N ALA B 271 -16.75 -32.02 9.21
CA ALA B 271 -16.66 -32.82 8.00
C ALA B 271 -15.20 -32.96 7.52
N PHE B 272 -14.40 -31.92 7.75
CA PHE B 272 -12.98 -31.96 7.41
C PHE B 272 -12.22 -32.94 8.30
N GLY B 273 -12.71 -33.14 9.52
CA GLY B 273 -12.07 -34.06 10.46
C GLY B 273 -10.95 -33.44 11.26
N ALA B 274 -11.10 -32.18 11.64
CA ALA B 274 -10.11 -31.51 12.48
C ALA B 274 -9.89 -32.28 13.78
N GLU B 275 -8.63 -32.46 14.14
CA GLU B 275 -8.30 -33.11 15.42
C GLU B 275 -8.29 -32.13 16.59
N ALA B 276 -8.22 -30.84 16.29
CA ALA B 276 -8.28 -29.76 17.28
C ALA B 276 -8.65 -28.51 16.51
N ILE B 277 -9.16 -27.53 17.22
CA ILE B 277 -9.48 -26.25 16.61
C ILE B 277 -8.72 -25.15 17.32
N VAL B 278 -7.95 -24.37 16.56
CA VAL B 278 -7.36 -23.15 17.07
C VAL B 278 -8.36 -22.04 16.80
N VAL B 279 -8.83 -21.39 17.87
CA VAL B 279 -9.82 -20.33 17.72
C VAL B 279 -9.08 -19.00 17.76
N SER B 280 -9.15 -18.26 16.65
CA SER B 280 -8.66 -16.88 16.61
C SER B 280 -9.76 -16.02 17.17
N LEU B 281 -9.61 -15.68 18.44
CA LEU B 281 -10.66 -14.98 19.19
C LEU B 281 -10.39 -13.49 19.23
N GLY B 282 -11.14 -12.74 18.42
CA GLY B 282 -11.23 -11.31 18.64
C GLY B 282 -12.60 -11.00 19.20
N VAL B 283 -12.70 -10.04 20.11
CA VAL B 283 -13.99 -9.63 20.66
C VAL B 283 -14.38 -8.27 20.11
N ASP B 284 -13.81 -7.91 18.97
CA ASP B 284 -14.23 -6.70 18.25
C ASP B 284 -15.57 -6.88 17.54
N THR B 285 -16.19 -8.05 17.67
CA THR B 285 -17.58 -8.26 17.28
C THR B 285 -18.60 -7.64 18.25
N PHE B 286 -18.11 -7.06 19.35
CA PHE B 286 -18.97 -6.49 20.40
C PHE B 286 -19.65 -5.24 19.91
N GLU B 287 -20.85 -5.03 20.41
CA GLU B 287 -21.68 -3.92 19.99
C GLU B 287 -21.07 -2.54 20.34
N GLN B 288 -20.11 -2.48 21.27
CA GLN B 288 -19.44 -1.21 21.57
C GLN B 288 -18.06 -1.09 20.94
N ASP B 289 -17.65 -2.02 20.09
CA ASP B 289 -16.29 -1.94 19.58
C ASP B 289 -16.11 -0.69 18.71
N PRO B 290 -15.06 0.11 18.94
CA PRO B 290 -14.98 1.41 18.26
C PRO B 290 -14.69 1.34 16.77
N ILE B 291 -14.22 0.20 16.25
CA ILE B 291 -13.83 0.17 14.84
C ILE B 291 -14.59 -0.87 14.02
N SER B 292 -15.67 -1.41 14.58
CA SER B 292 -16.32 -2.59 14.00
C SER B 292 -17.83 -2.42 14.02
N PHE B 293 -18.55 -3.22 13.24
CA PHE B 293 -19.97 -2.98 13.04
C PHE B 293 -20.90 -4.17 13.34
N PHE B 294 -20.45 -5.15 14.10
CA PHE B 294 -21.36 -6.19 14.59
C PHE B 294 -21.93 -5.82 15.95
N LYS B 295 -22.96 -6.56 16.37
CA LYS B 295 -23.75 -6.18 17.57
C LYS B 295 -23.86 -7.35 18.52
N LEU B 296 -22.77 -8.05 18.77
CA LEU B 296 -22.78 -9.07 19.81
C LEU B 296 -22.84 -8.41 21.19
N THR B 297 -23.50 -9.09 22.13
CA THR B 297 -23.62 -8.61 23.50
C THR B 297 -22.69 -9.45 24.38
N SER B 298 -22.41 -8.99 25.60
CA SER B 298 -21.51 -9.75 26.46
C SER B 298 -21.99 -11.19 26.72
N PRO B 299 -23.30 -11.40 26.98
CA PRO B 299 -23.74 -12.80 27.17
C PRO B 299 -23.54 -13.69 25.96
N ASP B 300 -23.53 -13.11 24.75
CA ASP B 300 -23.37 -13.92 23.55
C ASP B 300 -22.02 -14.64 23.52
N TYR B 301 -21.01 -14.09 24.18
CA TYR B 301 -19.70 -14.72 24.19
C TYR B 301 -19.70 -16.05 24.95
N ILE B 302 -20.54 -16.17 25.97
CA ILE B 302 -20.70 -17.46 26.66
C ILE B 302 -21.28 -18.49 25.70
N THR B 303 -22.35 -18.10 24.99
CA THR B 303 -22.97 -18.97 24.00
C THR B 303 -21.95 -19.42 22.97
N MET B 304 -21.16 -18.47 22.49
CA MET B 304 -20.15 -18.75 21.48
C MET B 304 -19.14 -19.80 21.96
N GLY B 305 -18.57 -19.58 23.14
CA GLY B 305 -17.62 -20.56 23.66
C GLY B 305 -18.21 -21.94 23.86
N ARG B 306 -19.43 -21.99 24.38
N ARG B 306 -19.44 -22.00 24.37
CA ARG B 306 -20.11 -23.27 24.58
CA ARG B 306 -20.09 -23.29 24.58
C ARG B 306 -20.30 -23.99 23.25
C ARG B 306 -20.33 -24.02 23.26
N THR B 307 -20.77 -23.27 22.24
CA THR B 307 -21.05 -23.86 20.95
C THR B 307 -19.76 -24.39 20.32
N ILE B 308 -18.69 -23.61 20.38
CA ILE B 308 -17.43 -24.08 19.78
C ILE B 308 -16.90 -25.32 20.50
N ALA B 309 -17.00 -25.33 21.82
CA ALA B 309 -16.52 -26.46 22.60
C ALA B 309 -17.37 -27.72 22.46
N ALA B 310 -18.63 -27.56 22.06
N ALA B 310 -18.62 -27.55 22.02
CA ALA B 310 -19.64 -28.63 22.14
CA ALA B 310 -19.52 -28.69 21.79
C ALA B 310 -19.25 -29.97 21.52
C ALA B 310 -19.13 -29.48 20.53
N SER B 311 -18.52 -29.94 20.42
N SER B 311 -18.15 -28.99 19.79
CA SER B 311 -18.18 -31.17 19.68
CA SER B 311 -17.52 -29.75 18.71
C SER B 311 -17.25 -32.03 20.50
C SER B 311 -16.96 -31.07 19.25
N GLY B 312 -16.50 -31.37 21.37
N GLY B 312 -16.55 -31.02 20.51
CA GLY B 312 -15.52 -32.07 22.17
CA GLY B 312 -16.04 -32.21 21.20
C GLY B 312 -14.12 -32.09 21.60
C GLY B 312 -14.58 -32.51 20.92
N VAL B 313 -13.87 -31.53 20.41
CA VAL B 313 -12.47 -31.62 19.99
C VAL B 313 -11.73 -30.54 20.79
N PRO B 314 -10.47 -30.78 21.09
CA PRO B 314 -9.72 -29.81 21.90
C PRO B 314 -9.62 -28.43 21.23
N LEU B 315 -9.62 -27.39 22.05
CA LEU B 315 -9.54 -26.00 21.60
C LEU B 315 -8.32 -25.30 22.16
N LEU B 316 -7.62 -24.58 21.28
CA LEU B 316 -6.70 -23.56 21.75
C LEU B 316 -7.29 -22.22 21.39
N VAL B 317 -7.56 -21.38 22.39
CA VAL B 317 -8.08 -20.05 22.14
C VAL B 317 -6.90 -19.09 22.06
N VAL B 318 -6.78 -18.35 20.96
CA VAL B 318 -5.66 -17.46 20.69
C VAL B 318 -6.20 -16.05 20.54
N MET B 319 -5.72 -15.15 21.37
CA MET B 319 -6.23 -13.77 21.38
C MET B 319 -5.87 -13.01 20.12
N GLU B 320 -6.87 -12.33 19.57
CA GLU B 320 -6.71 -11.43 18.41
C GLU B 320 -7.14 -10.00 18.84
N GLY B 321 -8.16 -9.45 18.20
CA GLY B 321 -8.58 -8.06 18.43
C GLY B 321 -9.70 -7.86 19.43
N GLY B 322 -10.25 -6.65 19.44
CA GLY B 322 -11.20 -6.16 20.46
C GLY B 322 -10.62 -4.96 21.18
N TYR B 323 -11.32 -3.82 21.09
CA TYR B 323 -10.72 -2.52 21.40
C TYR B 323 -11.57 -1.63 22.30
N GLY B 324 -10.91 -0.63 22.87
CA GLY B 324 -11.58 0.59 23.31
C GLY B 324 -12.08 0.62 24.73
N VAL B 325 -12.73 -0.46 25.15
CA VAL B 325 -13.40 -0.46 26.45
C VAL B 325 -12.96 -1.65 27.28
N PRO B 326 -12.92 -1.48 28.62
CA PRO B 326 -12.41 -2.58 29.45
C PRO B 326 -13.28 -3.85 29.37
N GLU B 327 -14.51 -3.72 28.89
CA GLU B 327 -15.36 -4.90 28.67
C GLU B 327 -14.81 -5.88 27.66
N ILE B 328 -13.76 -5.54 26.90
CA ILE B 328 -13.11 -6.57 26.09
C ILE B 328 -12.70 -7.74 27.00
N GLY B 329 -12.33 -7.43 28.23
CA GLY B 329 -11.94 -8.47 29.18
C GLY B 329 -13.07 -9.40 29.54
N LEU B 330 -14.20 -8.82 29.95
CA LEU B 330 -15.40 -9.60 30.24
C LEU B 330 -15.77 -10.48 29.05
N ASN B 331 -15.69 -9.92 27.85
CA ASN B 331 -16.09 -10.66 26.68
C ASN B 331 -15.19 -11.87 26.44
N VAL B 332 -13.88 -11.69 26.55
CA VAL B 332 -12.96 -12.81 26.43
C VAL B 332 -13.22 -13.84 27.53
N ALA B 333 -13.33 -13.38 28.77
CA ALA B 333 -13.59 -14.29 29.88
C ALA B 333 -14.86 -15.08 29.65
N ASN B 334 -15.87 -14.44 29.06
CA ASN B 334 -17.13 -15.12 28.80
C ASN B 334 -16.97 -16.24 27.77
N VAL B 335 -16.14 -16.04 26.74
CA VAL B 335 -15.88 -17.17 25.82
C VAL B 335 -15.28 -18.32 26.62
N LEU B 336 -14.32 -18.03 27.50
CA LEU B 336 -13.66 -19.09 28.27
C LEU B 336 -14.66 -19.78 29.21
N LYS B 337 -15.58 -19.02 29.79
CA LYS B 337 -16.63 -19.61 30.62
C LYS B 337 -17.48 -20.55 29.80
N GLY B 338 -17.80 -20.18 28.57
CA GLY B 338 -18.57 -21.07 27.70
C GLY B 338 -17.82 -22.35 27.40
N VAL B 339 -16.53 -22.24 27.14
CA VAL B 339 -15.69 -23.41 26.89
C VAL B 339 -15.61 -24.33 28.11
N ALA B 340 -15.45 -23.72 29.29
CA ALA B 340 -15.18 -24.48 30.51
C ALA B 340 -16.43 -25.01 31.21
N GLY B 341 -17.59 -24.45 30.89
CA GLY B 341 -18.81 -24.77 31.60
C GLY B 341 -19.42 -26.10 31.24
#